data_5D00
#
_entry.id   5D00
#
_cell.length_a   90.660
_cell.length_b   164.627
_cell.length_c   97.729
_cell.angle_alpha   90.000
_cell.angle_beta   90.000
_cell.angle_gamma   90.000
#
_symmetry.space_group_name_H-M   'C 2 2 21'
#
loop_
_entity.id
_entity.type
_entity.pdbx_description
1 polymer 'N-acetyl-alpha-D-glucosaminyl L-malate synthase'
2 non-polymer '(2S)-2-{[2-acetamido-2-deoxy-alpha-D-glucopyranosyl]oxy}butanedioic acid'
3 non-polymer 'PHOSPHATE ION'
4 non-polymer "URIDINE-5'-MONOPHOSPHATE"
5 water water
#
_entity_poly.entity_id   1
_entity_poly.type   'polypeptide(L)'
_entity_poly.pdbx_seq_one_letter_code
;GHMRKLKIGITCYPSVGGSGIIATELGKQLAEKGHEIHFITSSIPFRLNTYHPNIHFHEVEVNQYAVFKYPPYDLTLASK
IAEVAERENLDIIHAHYALPHAVCAYLAKQMLKRNIGIVTTLHGTDITVLGYDPSLKDLIRFAIESSDRVTAVSSALAAE
TYDLIKPEKKIETIYNFIDERVYLKKNTAAIKEKHGILPDEKVVIHVSNFRKVKRVQDVIRVFRNIAGKTKAKLLLVGDG
PEKSTACELIRKYGLEDQVLMLGNQDRVEDLYSISDLKLLLSEKESFGLVLLEAMACGVPCIGTNIGGIPEVIKNNVSGF
LVDVGDVTAATARAMSILEDEQLSNRFTKAAIEMLENEFSSKKIVSQYEQIYADLAEPE
;
_entity_poly.pdbx_strand_id   A,B
#
loop_
_chem_comp.id
_chem_comp.type
_chem_comp.name
_chem_comp.formula
GMT D-saccharide '(2S)-2-{[2-acetamido-2-deoxy-alpha-D-glucopyranosyl]oxy}butanedioic acid' 'C12 H19 N O10'
PO4 non-polymer 'PHOSPHATE ION' 'O4 P -3'
U5P non-polymer URIDINE-5'-MONOPHOSPHATE 'C9 H13 N2 O9 P'
#
# COMPACT_ATOMS: atom_id res chain seq x y z
N ARG A 4 16.20 -11.08 -31.91
CA ARG A 4 14.70 -11.12 -31.86
C ARG A 4 14.21 -10.03 -30.92
N LYS A 5 13.61 -8.94 -31.43
CA LYS A 5 13.00 -7.92 -30.56
C LYS A 5 12.01 -8.51 -29.52
N LEU A 6 11.97 -7.89 -28.35
CA LEU A 6 11.15 -8.37 -27.25
C LEU A 6 10.30 -7.23 -26.77
N LYS A 7 9.25 -7.60 -26.03
CA LYS A 7 8.39 -6.60 -25.39
C LYS A 7 8.69 -6.75 -23.86
N ILE A 8 9.02 -5.62 -23.26
CA ILE A 8 9.64 -5.60 -21.93
C ILE A 8 8.87 -4.62 -21.11
N GLY A 9 8.31 -5.09 -20.00
CA GLY A 9 7.75 -4.14 -19.07
C GLY A 9 8.83 -3.72 -18.08
N ILE A 10 8.70 -2.50 -17.55
CA ILE A 10 9.65 -1.95 -16.61
C ILE A 10 8.83 -1.38 -15.51
N THR A 11 9.06 -1.86 -14.31
CA THR A 11 8.35 -1.32 -13.17
C THR A 11 9.40 -0.72 -12.23
N CYS A 12 9.19 0.52 -11.87
CA CYS A 12 10.14 1.22 -11.02
C CYS A 12 9.49 2.47 -10.53
N TYR A 13 10.18 3.23 -9.71
CA TYR A 13 9.81 4.59 -9.42
C TYR A 13 10.58 5.49 -10.37
N PRO A 14 9.82 6.10 -11.37
CA PRO A 14 10.61 6.54 -12.52
C PRO A 14 11.60 7.68 -12.39
N SER A 15 11.58 8.45 -11.35
CA SER A 15 12.81 9.20 -11.11
C SER A 15 13.05 9.61 -9.69
N VAL A 16 13.15 8.62 -8.80
CA VAL A 16 13.66 8.84 -7.45
C VAL A 16 14.97 9.65 -7.55
N GLY A 17 15.93 9.10 -8.29
CA GLY A 17 17.25 9.70 -8.37
C GLY A 17 18.05 8.86 -9.32
N GLY A 18 19.07 8.20 -8.81
CA GLY A 18 19.90 7.34 -9.62
C GLY A 18 19.15 6.20 -10.27
N SER A 19 18.41 5.45 -9.47
CA SER A 19 17.76 4.26 -9.98
C SER A 19 16.70 4.62 -11.00
N GLY A 20 15.97 5.68 -10.69
CA GLY A 20 15.01 6.21 -11.64
C GLY A 20 15.64 6.61 -12.95
N ILE A 21 16.83 7.17 -12.91
CA ILE A 21 17.54 7.51 -14.15
C ILE A 21 17.95 6.27 -14.89
N ILE A 22 18.47 5.29 -14.16
CA ILE A 22 18.99 4.11 -14.80
C ILE A 22 17.88 3.38 -15.47
N ALA A 23 16.81 3.14 -14.73
CA ALA A 23 15.69 2.37 -15.30
C ALA A 23 15.13 3.06 -16.56
N THR A 24 14.93 4.36 -16.54
CA THR A 24 14.43 5.07 -17.75
C THR A 24 15.45 5.12 -18.88
N GLU A 25 16.74 5.41 -18.61
CA GLU A 25 17.75 5.33 -19.71
C GLU A 25 17.86 3.90 -20.26
N LEU A 26 17.76 2.91 -19.40
CA LEU A 26 17.88 1.55 -19.90
C LEU A 26 16.76 1.33 -20.88
N GLY A 27 15.55 1.73 -20.50
CA GLY A 27 14.43 1.58 -21.43
C GLY A 27 14.62 2.44 -22.70
N LYS A 28 15.09 3.65 -22.54
CA LYS A 28 15.39 4.48 -23.73
C LYS A 28 16.36 3.77 -24.62
N GLN A 29 17.38 3.13 -24.05
CA GLN A 29 18.39 2.49 -24.90
C GLN A 29 17.86 1.24 -25.50
N LEU A 30 17.02 0.51 -24.76
CA LEU A 30 16.45 -0.70 -25.39
C LEU A 30 15.47 -0.29 -26.50
N ALA A 31 14.74 0.80 -26.29
CA ALA A 31 13.79 1.25 -27.34
C ALA A 31 14.51 1.49 -28.70
N GLU A 32 15.67 2.16 -28.63
CA GLU A 32 16.52 2.48 -29.81
C GLU A 32 16.97 1.23 -30.53
N LYS A 33 17.30 0.18 -29.79
CA LYS A 33 17.61 -1.09 -30.43
C LYS A 33 16.39 -1.82 -30.88
N GLY A 34 15.22 -1.18 -30.75
CA GLY A 34 13.99 -1.68 -31.33
C GLY A 34 13.16 -2.64 -30.48
N HIS A 35 13.41 -2.66 -29.18
CA HIS A 35 12.55 -3.41 -28.30
C HIS A 35 11.32 -2.56 -28.03
N GLU A 36 10.23 -3.21 -27.64
CA GLU A 36 9.05 -2.51 -27.23
C GLU A 36 9.03 -2.39 -25.69
N ILE A 37 8.99 -1.16 -25.20
CA ILE A 37 9.16 -0.89 -23.81
C ILE A 37 7.87 -0.37 -23.21
N HIS A 38 7.36 -1.04 -22.16
CA HIS A 38 6.20 -0.56 -21.44
C HIS A 38 6.54 -0.25 -20.01
N PHE A 39 6.66 1.03 -19.67
CA PHE A 39 6.77 1.47 -18.30
C PHE A 39 5.45 1.31 -17.60
N ILE A 40 5.50 0.76 -16.41
CA ILE A 40 4.36 0.60 -15.60
C ILE A 40 4.69 1.12 -14.24
N THR A 41 4.16 2.31 -13.94
CA THR A 41 4.48 3.07 -12.76
C THR A 41 3.27 3.90 -12.28
N SER A 42 3.45 4.57 -11.14
CA SER A 42 2.48 5.53 -10.60
C SER A 42 2.59 6.92 -11.24
N SER A 43 3.38 7.03 -12.31
CA SER A 43 3.66 8.31 -12.98
C SER A 43 3.73 9.45 -12.00
N THR A 50 8.89 14.79 -25.40
CA THR A 50 9.22 13.86 -26.49
C THR A 50 9.67 12.50 -25.95
N TYR A 51 9.40 11.44 -26.70
CA TYR A 51 9.96 10.12 -26.40
C TYR A 51 9.88 9.23 -27.62
N HIS A 52 10.84 8.32 -27.73
CA HIS A 52 10.92 7.35 -28.81
C HIS A 52 9.53 6.70 -29.00
N PRO A 53 9.19 6.27 -30.21
CA PRO A 53 7.84 5.74 -30.42
C PRO A 53 7.59 4.36 -29.83
N ASN A 54 8.65 3.58 -29.63
CA ASN A 54 8.55 2.24 -29.01
C ASN A 54 8.46 2.23 -27.49
N ILE A 55 8.50 3.40 -26.87
CA ILE A 55 8.32 3.47 -25.46
C ILE A 55 6.84 3.80 -25.18
N HIS A 56 6.19 3.01 -24.33
CA HIS A 56 4.81 3.30 -23.89
C HIS A 56 4.73 3.42 -22.37
N PHE A 57 3.84 4.27 -21.86
CA PHE A 57 3.70 4.48 -20.43
C PHE A 57 2.31 4.06 -19.96
N HIS A 58 2.26 3.33 -18.84
CA HIS A 58 1.01 2.92 -18.25
C HIS A 58 0.99 3.32 -16.82
N GLU A 59 -0.07 3.99 -16.43
CA GLU A 59 -0.13 4.62 -15.15
C GLU A 59 -1.03 3.76 -14.28
N VAL A 60 -0.69 3.69 -13.01
CA VAL A 60 -1.49 3.05 -12.02
C VAL A 60 -2.07 4.15 -11.21
N GLU A 61 -3.36 4.05 -10.90
CA GLU A 61 -4.04 4.98 -10.02
C GLU A 61 -4.45 4.25 -8.74
N VAL A 62 -3.90 4.71 -7.64
CA VAL A 62 -4.13 4.09 -6.34
C VAL A 62 -5.14 4.95 -5.62
N ASN A 63 -6.23 4.34 -5.21
CA ASN A 63 -7.29 5.00 -4.47
C ASN A 63 -7.69 4.08 -3.32
N GLN A 64 -8.33 4.64 -2.29
CA GLN A 64 -8.82 3.88 -1.15
C GLN A 64 -10.31 3.51 -1.30
N TYR A 65 -11.10 4.39 -1.92
CA TYR A 65 -12.50 4.10 -2.19
C TYR A 65 -13.30 3.84 -0.91
N ALA A 66 -12.96 4.53 0.15
CA ALA A 66 -13.64 4.31 1.42
C ALA A 66 -13.54 2.87 1.95
N VAL A 67 -12.87 1.96 1.24
CA VAL A 67 -12.78 0.57 1.73
C VAL A 67 -11.42 0.29 2.37
N PHE A 68 -10.36 0.64 1.66
CA PHE A 68 -8.98 0.44 2.13
C PHE A 68 -8.57 1.50 3.16
N LYS A 69 -7.74 1.09 4.11
CA LYS A 69 -7.30 1.93 5.16
C LYS A 69 -6.08 2.64 4.60
N TYR A 70 -5.24 1.89 3.90
CA TYR A 70 -4.16 2.51 3.15
C TYR A 70 -4.42 2.26 1.69
N PRO A 71 -4.02 3.21 0.83
CA PRO A 71 -4.12 2.92 -0.59
C PRO A 71 -3.19 1.73 -0.99
N PRO A 72 -3.77 0.69 -1.60
CA PRO A 72 -3.04 -0.50 -1.92
C PRO A 72 -2.30 -0.37 -3.26
N TYR A 73 -1.21 0.38 -3.25
CA TYR A 73 -0.40 0.57 -4.43
C TYR A 73 0.23 -0.72 -4.83
N ASP A 74 0.69 -1.52 -3.89
CA ASP A 74 1.37 -2.75 -4.26
C ASP A 74 0.39 -3.63 -5.05
N LEU A 75 -0.84 -3.78 -4.53
CA LEU A 75 -1.83 -4.60 -5.15
C LEU A 75 -2.36 -4.04 -6.48
N THR A 76 -2.58 -2.76 -6.53
CA THR A 76 -2.95 -2.12 -7.78
C THR A 76 -1.84 -2.19 -8.83
N LEU A 77 -0.60 -2.05 -8.38
CA LEU A 77 0.53 -2.15 -9.31
C LEU A 77 0.59 -3.55 -9.81
N ALA A 78 0.49 -4.57 -8.93
CA ALA A 78 0.53 -5.96 -9.41
C ALA A 78 -0.57 -6.23 -10.47
N SER A 79 -1.73 -5.69 -10.20
CA SER A 79 -2.86 -5.85 -11.08
C SER A 79 -2.61 -5.17 -12.40
N LYS A 80 -2.02 -4.01 -12.41
CA LYS A 80 -1.68 -3.34 -13.70
C LYS A 80 -0.58 -4.05 -14.51
N ILE A 81 0.43 -4.58 -13.84
CA ILE A 81 1.43 -5.37 -14.54
C ILE A 81 0.81 -6.58 -15.21
N ALA A 82 -0.08 -7.26 -14.50
CA ALA A 82 -0.75 -8.43 -15.09
C ALA A 82 -1.54 -8.05 -16.31
N GLU A 83 -2.25 -6.94 -16.23
CA GLU A 83 -3.14 -6.47 -17.27
C GLU A 83 -2.30 -6.10 -18.51
N VAL A 84 -1.32 -5.21 -18.35
CA VAL A 84 -0.39 -4.95 -19.46
C VAL A 84 0.30 -6.22 -19.92
N ALA A 85 0.80 -7.03 -19.00
CA ALA A 85 1.47 -8.24 -19.47
C ALA A 85 0.60 -9.00 -20.45
N GLU A 86 -0.68 -9.17 -20.12
CA GLU A 86 -1.55 -10.02 -20.90
C GLU A 86 -1.90 -9.32 -22.17
N ARG A 87 -2.31 -8.07 -22.11
CA ARG A 87 -2.68 -7.39 -23.33
C ARG A 87 -1.54 -7.33 -24.37
N GLU A 88 -0.33 -6.94 -23.95
CA GLU A 88 0.77 -6.73 -24.86
C GLU A 88 1.67 -7.96 -25.10
N ASN A 89 1.36 -9.08 -24.47
CA ASN A 89 2.21 -10.27 -24.54
C ASN A 89 3.63 -9.97 -24.19
N LEU A 90 3.84 -9.34 -23.05
CA LEU A 90 5.19 -8.93 -22.67
C LEU A 90 5.96 -10.15 -22.47
N ASP A 91 7.22 -10.16 -22.84
CA ASP A 91 8.00 -11.34 -22.61
C ASP A 91 8.66 -11.27 -21.24
N ILE A 92 8.89 -10.05 -20.77
CA ILE A 92 9.75 -9.78 -19.64
C ILE A 92 9.12 -8.73 -18.77
N ILE A 93 9.21 -8.90 -17.46
CA ILE A 93 9.00 -7.78 -16.54
C ILE A 93 10.29 -7.49 -15.77
N HIS A 94 10.77 -6.25 -15.86
CA HIS A 94 12.02 -5.86 -15.25
C HIS A 94 11.69 -4.90 -14.15
N ALA A 95 11.86 -5.41 -12.94
CA ALA A 95 11.52 -4.64 -11.74
C ALA A 95 12.75 -4.00 -11.17
N HIS A 96 12.64 -2.75 -10.74
CA HIS A 96 13.76 -2.14 -10.01
C HIS A 96 13.39 -1.96 -8.56
N TYR A 97 14.15 -2.62 -7.69
CA TYR A 97 13.94 -2.75 -6.23
C TYR A 97 13.22 -4.06 -5.98
N ALA A 98 13.71 -4.80 -5.00
CA ALA A 98 12.97 -5.95 -4.44
C ALA A 98 11.59 -5.58 -3.90
N LEU A 99 11.58 -4.54 -3.09
CA LEU A 99 10.37 -4.06 -2.49
C LEU A 99 10.13 -2.69 -2.97
N PRO A 100 8.93 -2.40 -3.48
CA PRO A 100 7.80 -3.32 -3.65
C PRO A 100 7.83 -4.12 -4.99
N HIS A 101 8.62 -3.68 -5.95
CA HIS A 101 8.41 -4.00 -7.37
C HIS A 101 8.61 -5.46 -7.73
N ALA A 102 9.59 -6.15 -7.14
CA ALA A 102 9.70 -7.57 -7.42
C ALA A 102 8.55 -8.35 -6.91
N VAL A 103 8.07 -8.01 -5.75
CA VAL A 103 6.90 -8.71 -5.23
C VAL A 103 5.66 -8.45 -6.06
N CYS A 104 5.46 -7.22 -6.49
CA CYS A 104 4.38 -6.90 -7.45
C CYS A 104 4.49 -7.67 -8.77
N ALA A 105 5.71 -7.75 -9.29
CA ALA A 105 5.89 -8.53 -10.46
C ALA A 105 5.60 -10.06 -10.26
N TYR A 106 6.10 -10.62 -9.16
CA TYR A 106 5.77 -12.01 -8.74
C TYR A 106 4.27 -12.21 -8.66
N LEU A 107 3.56 -11.30 -8.05
CA LEU A 107 2.13 -11.41 -7.98
C LEU A 107 1.49 -11.41 -9.33
N ALA A 108 1.89 -10.46 -10.17
CA ALA A 108 1.37 -10.34 -11.52
C ALA A 108 1.62 -11.60 -12.31
N LYS A 109 2.75 -12.20 -12.06
CA LYS A 109 3.07 -13.43 -12.73
C LYS A 109 2.27 -14.65 -12.22
N GLN A 110 1.97 -14.73 -10.94
CA GLN A 110 1.03 -15.80 -10.47
C GLN A 110 -0.37 -15.61 -11.02
N MET A 111 -0.82 -14.36 -11.19
CA MET A 111 -2.09 -14.05 -11.90
C MET A 111 -2.12 -14.41 -13.39
N LEU A 112 -1.00 -14.38 -14.09
CA LEU A 112 -1.01 -14.60 -15.56
C LEU A 112 -1.13 -16.07 -15.96
N LYS A 113 -1.97 -16.32 -16.95
CA LYS A 113 -2.08 -17.68 -17.54
C LYS A 113 -0.72 -17.99 -18.19
N ARG A 114 -0.13 -16.98 -18.81
CA ARG A 114 1.20 -17.08 -19.40
C ARG A 114 2.31 -17.26 -18.38
N ASN A 115 3.47 -17.63 -18.90
CA ASN A 115 4.73 -17.56 -18.19
C ASN A 115 5.36 -16.27 -18.65
N ILE A 116 6.03 -15.58 -17.74
CA ILE A 116 6.71 -14.36 -18.06
C ILE A 116 8.01 -14.35 -17.27
N GLY A 117 9.08 -13.79 -17.85
CA GLY A 117 10.33 -13.72 -17.16
C GLY A 117 10.37 -12.48 -16.27
N ILE A 118 10.69 -12.68 -15.00
CA ILE A 118 10.91 -11.57 -14.07
C ILE A 118 12.37 -11.27 -13.80
N VAL A 119 12.80 -10.05 -14.10
CA VAL A 119 14.16 -9.62 -13.88
C VAL A 119 14.07 -8.56 -12.84
N THR A 120 14.85 -8.71 -11.79
CA THR A 120 14.88 -7.72 -10.72
C THR A 120 16.28 -7.12 -10.54
N THR A 121 16.34 -5.81 -10.49
CA THR A 121 17.62 -5.17 -10.27
C THR A 121 17.59 -4.54 -8.88
N LEU A 122 18.64 -4.85 -8.10
CA LEU A 122 18.87 -4.27 -6.77
C LEU A 122 19.76 -3.07 -6.93
N HIS A 123 19.30 -2.00 -6.31
CA HIS A 123 19.98 -0.76 -6.20
C HIS A 123 20.44 -0.43 -4.83
N GLY A 124 20.14 -1.22 -3.82
CA GLY A 124 20.66 -0.86 -2.45
C GLY A 124 19.58 -0.41 -1.49
N THR A 125 18.39 -0.12 -2.00
CA THR A 125 17.28 0.35 -1.16
C THR A 125 16.76 -0.72 -0.25
N ASP A 126 16.87 -1.96 -0.67
CA ASP A 126 16.44 -3.04 0.15
C ASP A 126 17.30 -3.17 1.42
N ILE A 127 18.57 -2.78 1.33
CA ILE A 127 19.44 -2.75 2.47
C ILE A 127 19.02 -1.65 3.41
N THR A 128 18.69 -0.49 2.84
CA THR A 128 18.19 0.65 3.64
C THR A 128 16.89 0.31 4.37
N VAL A 129 15.93 -0.21 3.64
CA VAL A 129 14.69 -0.66 4.26
C VAL A 129 14.98 -1.63 5.44
N LEU A 130 15.82 -2.63 5.21
CA LEU A 130 16.10 -3.62 6.21
C LEU A 130 16.75 -3.04 7.51
N GLY A 131 17.64 -2.07 7.38
CA GLY A 131 18.20 -1.38 8.53
C GLY A 131 17.08 -0.77 9.36
N TYR A 132 16.12 -0.13 8.70
CA TYR A 132 14.95 0.48 9.38
C TYR A 132 14.04 -0.61 9.96
N ASP A 133 13.75 -1.67 9.20
CA ASP A 133 12.87 -2.73 9.69
C ASP A 133 13.38 -4.10 9.40
N PRO A 134 14.06 -4.67 10.40
CA PRO A 134 14.70 -5.96 10.38
C PRO A 134 13.74 -7.11 10.18
N SER A 135 12.47 -6.92 10.50
CA SER A 135 11.48 -7.99 10.30
C SER A 135 11.13 -8.23 8.82
N LEU A 136 11.56 -7.35 7.91
CA LEU A 136 11.24 -7.55 6.49
C LEU A 136 12.25 -8.44 5.77
N LYS A 137 13.19 -9.01 6.51
CA LYS A 137 14.21 -9.85 5.93
C LYS A 137 13.64 -10.93 5.08
N ASP A 138 12.73 -11.74 5.64
CA ASP A 138 12.18 -12.86 4.87
C ASP A 138 11.43 -12.40 3.63
N LEU A 139 10.79 -11.23 3.69
CA LEU A 139 10.07 -10.73 2.53
C LEU A 139 11.07 -10.34 1.46
N ILE A 140 12.15 -9.72 1.83
CA ILE A 140 13.10 -9.30 0.86
C ILE A 140 13.74 -10.53 0.27
N ARG A 141 14.00 -11.54 1.09
CA ARG A 141 14.50 -12.78 0.56
C ARG A 141 13.62 -13.51 -0.43
N PHE A 142 12.34 -13.56 -0.10
CA PHE A 142 11.34 -14.14 -0.97
C PHE A 142 11.27 -13.38 -2.28
N ALA A 143 11.29 -12.03 -2.20
CA ALA A 143 11.25 -11.23 -3.44
C ALA A 143 12.41 -11.56 -4.33
N ILE A 144 13.61 -11.64 -3.75
CA ILE A 144 14.80 -12.04 -4.54
C ILE A 144 14.67 -13.43 -5.11
N GLU A 145 14.37 -14.44 -4.30
CA GLU A 145 14.30 -15.84 -4.78
C GLU A 145 13.12 -16.12 -5.72
N SER A 146 12.09 -15.31 -5.70
CA SER A 146 10.95 -15.49 -6.62
C SER A 146 11.16 -14.75 -7.91
N SER A 147 12.21 -13.97 -8.07
CA SER A 147 12.55 -13.45 -9.42
C SER A 147 13.23 -14.55 -10.25
N ASP A 148 13.20 -14.47 -11.57
CA ASP A 148 13.86 -15.42 -12.43
C ASP A 148 15.36 -15.12 -12.51
N ARG A 149 15.68 -13.87 -12.77
CA ARG A 149 17.05 -13.39 -12.71
C ARG A 149 17.16 -12.12 -11.87
N VAL A 150 18.26 -11.98 -11.15
CA VAL A 150 18.49 -10.81 -10.34
C VAL A 150 19.86 -10.26 -10.63
N THR A 151 19.91 -8.94 -10.77
CA THR A 151 21.12 -8.23 -10.92
C THR A 151 21.31 -7.26 -9.76
N ALA A 152 22.53 -6.76 -9.63
CA ALA A 152 22.87 -5.74 -8.65
C ALA A 152 23.82 -4.74 -9.33
N VAL A 153 23.74 -3.46 -8.95
CA VAL A 153 24.55 -2.43 -9.58
C VAL A 153 26.01 -2.39 -9.21
N SER A 154 26.39 -3.19 -8.21
CA SER A 154 27.78 -3.41 -7.89
C SER A 154 28.00 -4.75 -7.22
N SER A 155 29.24 -5.22 -7.30
CA SER A 155 29.62 -6.48 -6.62
C SER A 155 29.60 -6.30 -5.13
N ALA A 156 29.98 -5.12 -4.66
CA ALA A 156 29.84 -4.82 -3.27
C ALA A 156 28.38 -4.96 -2.77
N LEU A 157 27.40 -4.49 -3.54
CA LEU A 157 25.99 -4.65 -3.19
C LEU A 157 25.56 -6.13 -3.26
N ALA A 158 25.99 -6.84 -4.34
CA ALA A 158 25.73 -8.27 -4.43
C ALA A 158 26.19 -8.99 -3.21
N ALA A 159 27.43 -8.74 -2.80
CA ALA A 159 28.01 -9.37 -1.59
C ALA A 159 27.32 -9.04 -0.28
N GLU A 160 27.05 -7.75 -0.06
CA GLU A 160 26.30 -7.35 1.11
C GLU A 160 24.88 -7.91 1.09
N THR A 161 24.29 -8.02 -0.07
CA THR A 161 22.95 -8.62 -0.15
C THR A 161 22.96 -10.08 0.34
N TYR A 162 23.89 -10.84 -0.19
CA TYR A 162 24.11 -12.21 0.21
C TYR A 162 24.40 -12.28 1.72
N ASP A 163 25.31 -11.44 2.24
CA ASP A 163 25.66 -11.51 3.67
C ASP A 163 24.48 -11.10 4.60
N LEU A 164 23.69 -10.07 4.24
CA LEU A 164 22.54 -9.66 5.06
C LEU A 164 21.24 -10.45 4.87
N ILE A 165 20.92 -10.89 3.65
CA ILE A 165 19.65 -11.47 3.28
C ILE A 165 19.76 -12.95 2.97
N LYS A 166 20.92 -13.44 2.53
CA LYS A 166 21.15 -14.87 2.27
C LYS A 166 20.18 -15.49 1.26
N PRO A 167 19.89 -14.83 0.15
CA PRO A 167 19.03 -15.54 -0.77
C PRO A 167 19.77 -16.63 -1.53
N GLU A 168 19.06 -17.73 -1.80
CA GLU A 168 19.52 -18.81 -2.64
C GLU A 168 19.10 -18.39 -4.03
N LYS A 169 19.93 -17.59 -4.64
CA LYS A 169 19.64 -16.99 -5.92
C LYS A 169 20.93 -16.34 -6.42
N LYS A 170 21.30 -16.57 -7.65
CA LYS A 170 22.43 -15.84 -8.21
C LYS A 170 22.09 -14.35 -8.34
N ILE A 171 22.97 -13.48 -7.86
CA ILE A 171 22.85 -12.03 -8.12
C ILE A 171 23.96 -11.56 -9.02
N GLU A 172 23.65 -11.16 -10.25
CA GLU A 172 24.71 -10.92 -11.24
C GLU A 172 25.05 -9.45 -11.16
N THR A 173 26.31 -9.10 -11.21
CA THR A 173 26.70 -7.69 -11.22
C THR A 173 26.63 -7.09 -12.60
N ILE A 174 25.84 -6.04 -12.77
CA ILE A 174 25.76 -5.32 -13.99
C ILE A 174 25.80 -3.86 -13.55
N TYR A 175 26.80 -3.11 -14.01
CA TYR A 175 27.08 -1.78 -13.51
C TYR A 175 26.09 -0.81 -14.05
N ASN A 176 26.04 0.34 -13.42
CA ASN A 176 25.37 1.48 -13.99
C ASN A 176 26.21 2.06 -15.10
N PHE A 177 25.60 2.89 -15.92
CA PHE A 177 26.21 3.44 -17.10
C PHE A 177 25.78 4.87 -17.33
N ILE A 178 26.48 5.52 -18.24
CA ILE A 178 26.31 6.95 -18.49
C ILE A 178 25.84 7.20 -19.94
N LYS A 186 29.89 23.88 -21.61
CA LYS A 186 30.87 24.18 -22.66
C LYS A 186 31.31 25.66 -22.74
N ASN A 187 30.37 26.62 -22.61
CA ASN A 187 30.77 28.01 -22.32
C ASN A 187 30.83 28.27 -20.82
N THR A 188 31.98 27.96 -20.21
CA THR A 188 32.08 27.97 -18.79
C THR A 188 32.18 29.35 -18.28
N ALA A 189 32.65 30.29 -19.11
CA ALA A 189 32.71 31.66 -18.67
C ALA A 189 31.27 32.15 -18.40
N ALA A 190 30.33 31.85 -19.30
CA ALA A 190 28.92 32.27 -19.12
C ALA A 190 28.29 31.64 -17.89
N ILE A 191 28.63 30.37 -17.62
CA ILE A 191 28.04 29.65 -16.49
C ILE A 191 28.56 30.21 -15.22
N LYS A 192 29.87 30.40 -15.16
CA LYS A 192 30.48 30.92 -13.95
C LYS A 192 29.94 32.32 -13.66
N GLU A 193 29.86 33.14 -14.72
CA GLU A 193 29.25 34.48 -14.65
C GLU A 193 27.86 34.39 -14.00
N LYS A 194 26.95 33.67 -14.63
CA LYS A 194 25.60 33.36 -14.08
C LYS A 194 25.54 33.00 -12.56
N HIS A 195 26.48 32.21 -12.04
CA HIS A 195 26.49 31.86 -10.60
C HIS A 195 27.41 32.74 -9.76
N GLY A 196 27.85 33.84 -10.36
CA GLY A 196 28.78 34.75 -9.66
C GLY A 196 30.11 34.16 -9.23
N ILE A 197 30.65 33.23 -9.99
CA ILE A 197 31.93 32.62 -9.61
C ILE A 197 33.00 33.36 -10.42
N LEU A 198 34.08 33.80 -9.80
CA LEU A 198 35.05 34.62 -10.49
C LEU A 198 36.07 33.69 -11.14
N PRO A 199 36.87 34.22 -12.08
CA PRO A 199 37.81 33.38 -12.83
C PRO A 199 38.95 32.76 -12.03
N ASP A 200 39.23 33.29 -10.85
CA ASP A 200 40.32 32.79 -10.03
C ASP A 200 39.84 31.91 -8.85
N GLU A 201 38.57 31.58 -8.82
CA GLU A 201 38.10 30.61 -7.79
C GLU A 201 38.20 29.16 -8.30
N LYS A 202 38.72 28.29 -7.46
CA LYS A 202 38.56 26.84 -7.62
C LYS A 202 37.14 26.44 -7.23
N VAL A 203 36.55 25.51 -7.94
CA VAL A 203 35.22 25.07 -7.70
C VAL A 203 35.13 23.60 -7.34
N VAL A 204 34.57 23.34 -6.19
CA VAL A 204 34.31 22.03 -5.70
C VAL A 204 32.82 21.78 -5.80
N ILE A 205 32.44 20.59 -6.21
CA ILE A 205 31.05 20.26 -6.37
C ILE A 205 30.67 19.01 -5.59
N HIS A 206 29.48 19.01 -5.01
CA HIS A 206 28.89 17.81 -4.43
C HIS A 206 27.44 17.67 -4.85
N VAL A 207 27.11 16.54 -5.48
CA VAL A 207 25.75 16.22 -5.91
C VAL A 207 25.24 15.03 -5.13
N SER A 208 24.14 15.24 -4.39
CA SER A 208 23.47 14.16 -3.62
C SER A 208 22.08 14.51 -3.23
N ASN A 209 21.40 13.52 -2.63
CA ASN A 209 20.05 13.67 -2.04
C ASN A 209 20.08 14.09 -0.56
N PHE A 210 21.23 14.47 -0.04
CA PHE A 210 21.31 15.03 1.29
C PHE A 210 20.70 14.12 2.35
N ARG A 211 20.88 12.84 2.21
CA ARG A 211 20.53 11.98 3.28
C ARG A 211 21.71 11.88 4.18
N LYS A 212 21.52 11.40 5.38
CA LYS A 212 22.55 11.30 6.39
C LYS A 212 23.75 10.47 5.92
N VAL A 213 23.48 9.39 5.21
CA VAL A 213 24.54 8.54 4.65
C VAL A 213 25.46 9.27 3.70
N LYS A 214 25.03 10.40 3.13
CA LYS A 214 25.94 11.21 2.29
C LYS A 214 27.05 11.98 3.03
N ARG A 215 26.89 12.15 4.34
CA ARG A 215 27.86 12.87 5.14
C ARG A 215 28.19 14.24 4.55
N VAL A 216 27.17 14.98 4.21
CA VAL A 216 27.38 16.36 3.80
C VAL A 216 28.22 17.16 4.79
N GLN A 217 28.15 16.82 6.07
CA GLN A 217 28.99 17.54 7.06
C GLN A 217 30.48 17.32 6.81
N ASP A 218 30.87 16.14 6.32
CA ASP A 218 32.26 15.93 5.99
C ASP A 218 32.66 16.63 4.72
N VAL A 219 31.75 16.72 3.77
CA VAL A 219 32.05 17.45 2.55
C VAL A 219 32.31 18.95 2.92
N ILE A 220 31.54 19.45 3.87
CA ILE A 220 31.57 20.89 4.11
C ILE A 220 32.84 21.20 4.84
N ARG A 221 33.22 20.34 5.78
CA ARG A 221 34.48 20.50 6.50
C ARG A 221 35.70 20.46 5.60
N VAL A 222 35.73 19.45 4.73
CA VAL A 222 36.78 19.38 3.76
C VAL A 222 36.78 20.68 2.99
N PHE A 223 35.62 21.08 2.46
CA PHE A 223 35.58 22.32 1.73
C PHE A 223 36.14 23.51 2.53
N ARG A 224 35.87 23.50 3.82
CA ARG A 224 36.29 24.54 4.72
C ARG A 224 37.81 24.69 4.78
N ASN A 225 38.50 23.58 4.85
CA ASN A 225 39.95 23.56 4.77
C ASN A 225 40.43 24.01 3.42
N ILE A 226 39.78 23.55 2.37
CA ILE A 226 40.20 23.97 1.05
C ILE A 226 40.11 25.50 0.93
N ALA A 227 38.98 26.05 1.32
CA ALA A 227 38.69 27.47 1.12
C ALA A 227 39.62 28.42 1.92
N GLY A 228 40.13 27.93 3.05
CA GLY A 228 41.18 28.60 3.80
C GLY A 228 42.57 28.53 3.19
N LYS A 229 42.76 27.74 2.13
CA LYS A 229 44.07 27.58 1.51
C LYS A 229 44.09 28.06 0.09
N THR A 230 42.96 28.48 -0.44
CA THR A 230 42.95 28.91 -1.81
C THR A 230 41.59 29.56 -1.94
N LYS A 231 41.41 30.36 -2.98
CA LYS A 231 40.12 30.92 -3.28
C LYS A 231 39.20 29.87 -3.91
N ALA A 232 38.05 29.63 -3.30
CA ALA A 232 37.20 28.48 -3.65
C ALA A 232 35.69 28.73 -3.51
N LYS A 233 34.88 28.15 -4.40
CA LYS A 233 33.42 28.10 -4.26
C LYS A 233 32.99 26.63 -4.13
N LEU A 234 31.97 26.36 -3.31
CA LEU A 234 31.40 25.02 -3.21
C LEU A 234 30.00 25.06 -3.77
N LEU A 235 29.73 24.22 -4.76
CA LEU A 235 28.38 24.01 -5.28
C LEU A 235 27.78 22.76 -4.65
N LEU A 236 26.68 22.92 -3.91
CA LEU A 236 26.04 21.77 -3.27
C LEU A 236 24.75 21.62 -4.02
N VAL A 237 24.58 20.48 -4.67
CA VAL A 237 23.55 20.37 -5.62
C VAL A 237 22.64 19.24 -5.18
N GLY A 238 21.37 19.55 -5.06
CA GLY A 238 20.35 18.58 -4.73
C GLY A 238 19.55 19.05 -3.53
N ASP A 239 18.65 18.21 -3.09
CA ASP A 239 17.75 18.54 -1.95
C ASP A 239 17.52 17.26 -1.17
N GLY A 240 17.22 17.46 0.09
CA GLY A 240 16.98 16.36 0.98
C GLY A 240 16.92 16.83 2.42
N PRO A 241 16.73 15.88 3.34
CA PRO A 241 16.57 16.20 4.76
C PRO A 241 17.75 16.91 5.46
N GLU A 242 19.01 16.61 5.11
CA GLU A 242 20.12 17.19 5.79
C GLU A 242 20.51 18.52 5.20
N LYS A 243 19.68 19.04 4.30
CA LYS A 243 19.99 20.29 3.70
C LYS A 243 20.11 21.42 4.73
N SER A 244 19.17 21.44 5.68
CA SER A 244 19.20 22.47 6.69
C SER A 244 20.36 22.25 7.65
N THR A 245 20.70 21.02 7.97
CA THR A 245 21.94 20.74 8.70
C THR A 245 23.18 21.33 7.98
N ALA A 246 23.22 21.12 6.67
CA ALA A 246 24.32 21.66 5.84
C ALA A 246 24.36 23.18 6.00
N CYS A 247 23.20 23.83 5.88
CA CYS A 247 23.12 25.26 5.96
C CYS A 247 23.67 25.79 7.25
N GLU A 248 23.38 25.11 8.32
CA GLU A 248 23.74 25.55 9.61
C GLU A 248 25.23 25.51 9.75
N LEU A 249 25.80 24.40 9.32
CA LEU A 249 27.23 24.18 9.43
C LEU A 249 27.98 25.20 8.59
N ILE A 250 27.40 25.56 7.47
CA ILE A 250 27.97 26.60 6.63
C ILE A 250 28.02 27.88 7.49
N ARG A 251 26.91 28.26 8.10
CA ARG A 251 26.85 29.47 8.87
C ARG A 251 27.92 29.43 9.92
N LYS A 252 27.97 28.36 10.68
CA LYS A 252 28.96 28.23 11.76
C LYS A 252 30.41 28.48 11.29
N TYR A 253 30.83 27.89 10.19
CA TYR A 253 32.17 28.12 9.61
C TYR A 253 32.25 29.42 8.81
N GLY A 254 31.16 30.16 8.64
CA GLY A 254 31.25 31.47 7.99
C GLY A 254 31.46 31.43 6.50
N LEU A 255 30.79 30.50 5.82
CA LEU A 255 31.09 30.19 4.44
C LEU A 255 30.01 30.52 3.51
N GLU A 256 29.05 31.29 4.01
CA GLU A 256 27.84 31.58 3.25
C GLU A 256 28.10 32.10 1.87
N ASP A 257 29.10 32.94 1.76
CA ASP A 257 29.39 33.60 0.51
C ASP A 257 30.21 32.73 -0.42
N GLN A 258 30.85 31.71 0.13
CA GLN A 258 31.62 30.75 -0.62
C GLN A 258 30.87 29.49 -1.05
N VAL A 259 29.61 29.35 -0.70
CA VAL A 259 28.84 28.14 -1.01
C VAL A 259 27.59 28.52 -1.78
N LEU A 260 27.30 27.81 -2.88
CA LEU A 260 26.02 27.95 -3.60
C LEU A 260 25.14 26.70 -3.40
N MET A 261 23.99 26.88 -2.78
CA MET A 261 23.04 25.83 -2.47
C MET A 261 22.07 25.85 -3.59
N LEU A 262 22.30 25.02 -4.60
CA LEU A 262 21.62 25.19 -5.85
C LEU A 262 20.31 24.46 -5.85
N GLY A 263 20.17 23.55 -4.88
CA GLY A 263 18.98 22.77 -4.79
C GLY A 263 18.97 21.88 -6.01
N ASN A 264 17.89 21.13 -6.13
CA ASN A 264 17.69 20.21 -7.21
C ASN A 264 17.97 20.89 -8.55
N GLN A 265 18.54 20.18 -9.49
CA GLN A 265 18.91 20.83 -10.71
C GLN A 265 18.80 19.89 -11.87
N ASP A 266 18.33 20.45 -12.99
CA ASP A 266 18.69 19.93 -14.34
C ASP A 266 19.84 20.75 -15.04
N ARG A 267 20.35 20.25 -16.16
CA ARG A 267 21.65 20.71 -16.65
C ARG A 267 22.64 20.67 -15.46
N VAL A 268 22.71 19.49 -14.81
CA VAL A 268 23.79 19.28 -13.84
C VAL A 268 25.10 19.23 -14.63
N GLU A 269 25.02 18.87 -15.91
CA GLU A 269 26.20 18.96 -16.79
C GLU A 269 26.84 20.34 -16.79
N ASP A 270 26.07 21.44 -16.86
CA ASP A 270 26.67 22.82 -16.78
C ASP A 270 27.53 22.97 -15.56
N LEU A 271 27.11 22.39 -14.46
CA LEU A 271 27.74 22.66 -13.21
C LEU A 271 29.00 21.82 -13.08
N TYR A 272 28.89 20.57 -13.47
CA TYR A 272 30.07 19.76 -13.50
C TYR A 272 31.08 20.47 -14.38
N SER A 273 30.65 21.01 -15.51
CA SER A 273 31.58 21.61 -16.46
C SER A 273 32.42 22.74 -15.88
N ILE A 274 31.93 23.46 -14.87
CA ILE A 274 32.72 24.49 -14.25
C ILE A 274 33.41 24.07 -12.99
N SER A 275 33.39 22.76 -12.67
CA SER A 275 33.99 22.30 -11.44
C SER A 275 35.35 21.64 -11.64
N ASP A 276 36.21 21.83 -10.66
CA ASP A 276 37.56 21.24 -10.61
C ASP A 276 37.63 20.04 -9.72
N LEU A 277 36.65 19.81 -8.88
CA LEU A 277 36.76 18.62 -8.00
C LEU A 277 35.38 18.19 -7.52
N LYS A 278 35.14 16.90 -7.47
CA LYS A 278 33.91 16.34 -6.97
C LYS A 278 34.21 15.50 -5.77
N LEU A 279 33.44 15.72 -4.69
CA LEU A 279 33.53 15.00 -3.47
C LEU A 279 32.33 14.11 -3.29
N LEU A 280 32.56 12.83 -3.04
CA LEU A 280 31.50 11.93 -2.63
C LEU A 280 32.04 11.15 -1.46
N LEU A 281 31.63 11.51 -0.28
CA LEU A 281 32.22 10.99 0.97
C LEU A 281 31.22 10.21 1.80
N SER A 282 30.33 9.50 1.13
CA SER A 282 29.30 8.72 1.77
C SER A 282 29.79 7.60 2.67
N GLU A 283 28.94 7.21 3.59
CA GLU A 283 29.28 6.03 4.35
C GLU A 283 28.57 4.80 3.79
N LYS A 284 27.57 4.99 2.93
CA LYS A 284 26.84 3.89 2.24
C LYS A 284 26.62 4.36 0.84
N GLU A 285 26.97 3.55 -0.12
CA GLU A 285 26.87 3.92 -1.51
C GLU A 285 27.03 2.67 -2.33
N SER A 286 25.96 2.23 -2.95
CA SER A 286 26.02 1.05 -3.80
C SER A 286 26.74 1.23 -5.06
N PHE A 287 26.57 2.35 -5.70
CA PHE A 287 27.31 2.57 -6.88
C PHE A 287 27.89 3.98 -6.93
N GLY A 288 27.01 5.00 -6.98
CA GLY A 288 27.49 6.38 -7.00
C GLY A 288 27.42 6.93 -8.40
N LEU A 289 26.21 6.94 -8.94
CA LEU A 289 26.02 7.36 -10.27
C LEU A 289 26.60 8.71 -10.51
N VAL A 290 26.57 9.59 -9.50
CA VAL A 290 27.12 10.97 -9.67
C VAL A 290 28.62 11.02 -10.05
N LEU A 291 29.38 9.97 -9.71
CA LEU A 291 30.77 9.89 -10.08
C LEU A 291 30.94 9.73 -11.56
N LEU A 292 30.11 8.92 -12.20
CA LEU A 292 30.17 8.76 -13.61
C LEU A 292 29.82 10.03 -14.31
N GLU A 293 28.77 10.74 -13.85
CA GLU A 293 28.44 12.01 -14.49
C GLU A 293 29.63 12.99 -14.42
N ALA A 294 30.25 13.09 -13.27
CA ALA A 294 31.34 13.98 -13.08
C ALA A 294 32.58 13.56 -13.91
N MET A 295 32.84 12.29 -13.95
CA MET A 295 33.87 11.77 -14.79
C MET A 295 33.62 12.11 -16.24
N ALA A 296 32.41 11.94 -16.69
CA ALA A 296 32.16 12.23 -18.10
C ALA A 296 32.36 13.67 -18.44
N CYS A 297 32.22 14.54 -17.47
CA CYS A 297 32.36 15.95 -17.71
C CYS A 297 33.75 16.41 -17.36
N GLY A 298 34.67 15.50 -17.12
CA GLY A 298 36.04 15.89 -16.97
C GLY A 298 36.35 16.41 -15.59
N VAL A 299 35.66 15.92 -14.57
CA VAL A 299 35.94 16.38 -13.20
C VAL A 299 36.52 15.25 -12.34
N PRO A 300 37.70 15.48 -11.71
CA PRO A 300 38.28 14.48 -10.83
C PRO A 300 37.55 14.34 -9.49
N CYS A 301 37.53 13.10 -9.03
CA CYS A 301 36.70 12.68 -7.95
C CYS A 301 37.52 12.15 -6.80
N ILE A 302 37.02 12.43 -5.60
CA ILE A 302 37.47 11.83 -4.42
C ILE A 302 36.25 11.17 -3.77
N GLY A 303 36.39 9.89 -3.44
CA GLY A 303 35.34 9.17 -2.78
C GLY A 303 35.79 8.36 -1.61
N THR A 304 34.84 7.85 -0.87
CA THR A 304 35.17 7.08 0.26
C THR A 304 35.36 5.68 -0.18
N ASN A 305 36.06 4.93 0.65
CA ASN A 305 36.46 3.63 0.26
C ASN A 305 35.37 2.59 0.60
N ILE A 306 34.13 2.80 0.19
CA ILE A 306 33.03 1.90 0.56
C ILE A 306 32.06 1.58 -0.58
N GLY A 307 31.38 0.47 -0.37
CA GLY A 307 30.39 -0.03 -1.27
C GLY A 307 30.97 -0.07 -2.64
N GLY A 308 30.23 0.47 -3.59
CA GLY A 308 30.68 0.40 -4.96
C GLY A 308 31.64 1.46 -5.34
N ILE A 309 31.88 2.43 -4.48
CA ILE A 309 32.73 3.50 -4.88
C ILE A 309 34.09 2.98 -5.43
N PRO A 310 34.73 2.01 -4.74
CA PRO A 310 35.98 1.50 -5.27
C PRO A 310 35.88 0.72 -6.59
N GLU A 311 34.69 0.35 -7.03
CA GLU A 311 34.54 -0.31 -8.34
C GLU A 311 34.51 0.73 -9.43
N VAL A 312 34.43 1.99 -9.04
CA VAL A 312 34.35 3.10 -9.97
C VAL A 312 35.64 3.87 -9.94
N ILE A 313 36.10 4.30 -8.75
CA ILE A 313 37.37 5.03 -8.63
C ILE A 313 38.56 4.06 -8.38
N LYS A 314 39.63 4.20 -9.20
CA LYS A 314 40.92 3.55 -8.91
C LYS A 314 41.85 4.51 -8.21
N ASN A 315 42.18 4.22 -6.97
CA ASN A 315 42.92 5.15 -6.17
C ASN A 315 44.24 5.50 -6.88
N ASN A 316 44.53 6.79 -6.97
CA ASN A 316 45.71 7.32 -7.63
C ASN A 316 45.82 7.07 -9.10
N VAL A 317 44.77 6.63 -9.75
CA VAL A 317 44.78 6.46 -11.20
C VAL A 317 43.66 7.29 -11.78
N SER A 318 42.47 7.19 -11.20
CA SER A 318 41.33 7.89 -11.76
C SER A 318 40.56 8.65 -10.72
N GLY A 319 41.25 9.05 -9.67
CA GLY A 319 40.70 9.74 -8.52
C GLY A 319 41.35 9.26 -7.25
N PHE A 320 40.85 9.67 -6.10
CA PHE A 320 41.39 9.11 -4.85
C PHE A 320 40.25 8.53 -4.02
N LEU A 321 40.60 7.55 -3.23
CA LEU A 321 39.73 6.98 -2.25
C LEU A 321 40.30 7.25 -0.89
N VAL A 322 39.42 7.57 0.05
CA VAL A 322 39.78 7.77 1.44
C VAL A 322 38.84 7.00 2.36
N ASP A 323 39.22 6.85 3.63
CA ASP A 323 38.36 6.20 4.62
C ASP A 323 37.17 7.05 4.97
N VAL A 324 36.07 6.42 5.36
CA VAL A 324 34.85 7.17 5.74
C VAL A 324 35.19 8.04 6.91
N GLY A 325 34.73 9.29 6.88
CA GLY A 325 35.01 10.25 7.92
C GLY A 325 36.41 10.85 7.97
N ASP A 326 37.34 10.49 7.06
CA ASP A 326 38.74 10.98 7.13
C ASP A 326 38.91 12.31 6.40
N VAL A 327 38.50 13.38 7.09
CA VAL A 327 38.58 14.77 6.60
C VAL A 327 40.04 15.21 6.30
N THR A 328 40.97 14.77 7.13
CA THR A 328 42.39 15.12 6.97
C THR A 328 42.90 14.57 5.63
N ALA A 329 42.80 13.27 5.42
CA ALA A 329 43.16 12.69 4.13
C ALA A 329 42.36 13.26 2.94
N ALA A 330 41.05 13.54 3.09
CA ALA A 330 40.32 14.09 1.94
C ALA A 330 40.81 15.49 1.59
N THR A 331 41.12 16.26 2.63
CA THR A 331 41.62 17.62 2.40
C THR A 331 42.94 17.57 1.66
N ALA A 332 43.86 16.71 2.13
CA ALA A 332 45.18 16.58 1.48
C ALA A 332 45.02 16.06 0.06
N ARG A 333 44.09 15.14 -0.16
CA ARG A 333 43.91 14.68 -1.55
C ARG A 333 43.32 15.80 -2.42
N ALA A 334 42.38 16.52 -1.84
CA ALA A 334 41.76 17.58 -2.58
C ALA A 334 42.81 18.62 -2.97
N MET A 335 43.68 19.01 -2.03
CA MET A 335 44.72 20.02 -2.39
C MET A 335 45.68 19.50 -3.45
N SER A 336 46.06 18.22 -3.40
CA SER A 336 46.98 17.73 -4.43
C SER A 336 46.37 17.83 -5.83
N ILE A 337 45.06 17.61 -5.95
CA ILE A 337 44.39 17.77 -7.25
C ILE A 337 44.24 19.20 -7.69
N LEU A 338 43.83 20.06 -6.77
CA LEU A 338 43.55 21.44 -7.13
C LEU A 338 44.87 22.20 -7.38
N GLU A 339 45.99 21.69 -6.85
CA GLU A 339 47.29 22.36 -7.05
C GLU A 339 48.09 21.83 -8.22
N ASP A 340 47.86 20.58 -8.61
CA ASP A 340 48.63 20.00 -9.69
C ASP A 340 47.77 19.70 -10.92
N GLU A 341 47.84 20.60 -11.88
CA GLU A 341 47.13 20.41 -13.11
C GLU A 341 47.50 19.09 -13.83
N GLN A 342 48.70 18.54 -13.61
CA GLN A 342 49.13 17.36 -14.33
C GLN A 342 48.42 16.13 -13.81
N LEU A 343 48.39 16.04 -12.51
CA LEU A 343 47.67 15.01 -11.79
C LEU A 343 46.19 15.01 -12.18
N SER A 344 45.56 16.16 -12.06
CA SER A 344 44.18 16.32 -12.45
C SER A 344 43.89 15.84 -13.89
N ASN A 345 44.64 16.29 -14.89
CA ASN A 345 44.40 15.78 -16.23
C ASN A 345 44.71 14.31 -16.40
N ARG A 346 45.63 13.76 -15.62
CA ARG A 346 45.88 12.33 -15.73
C ARG A 346 44.68 11.51 -15.18
N PHE A 347 44.17 11.92 -14.02
CA PHE A 347 42.94 11.34 -13.44
C PHE A 347 41.77 11.35 -14.40
N THR A 348 41.54 12.51 -14.98
CA THR A 348 40.37 12.82 -15.81
C THR A 348 40.40 12.01 -17.11
N LYS A 349 41.55 12.00 -17.72
CA LYS A 349 41.81 11.12 -18.89
C LYS A 349 41.57 9.64 -18.53
N ALA A 350 42.07 9.20 -17.41
CA ALA A 350 41.96 7.78 -17.08
C ALA A 350 40.47 7.47 -16.77
N ALA A 351 39.87 8.35 -15.99
CA ALA A 351 38.43 8.21 -15.73
C ALA A 351 37.61 8.05 -17.01
N ILE A 352 37.85 8.90 -18.01
CA ILE A 352 37.12 8.89 -19.27
C ILE A 352 37.34 7.55 -20.04
N GLU A 353 38.53 6.95 -19.98
CA GLU A 353 38.69 5.67 -20.66
C GLU A 353 37.93 4.56 -19.92
N MET A 354 37.84 4.60 -18.59
CA MET A 354 36.95 3.64 -17.88
C MET A 354 35.53 3.74 -18.35
N LEU A 355 35.07 4.97 -18.51
CA LEU A 355 33.74 5.20 -18.99
C LEU A 355 33.47 4.62 -20.33
N GLU A 356 34.44 4.69 -21.22
CA GLU A 356 34.21 4.11 -22.53
C GLU A 356 34.27 2.57 -22.52
N ASN A 357 34.93 1.98 -21.53
CA ASN A 357 35.08 0.53 -21.48
C ASN A 357 34.14 -0.14 -20.47
N GLU A 358 34.45 -0.02 -19.21
CA GLU A 358 33.65 -0.67 -18.18
C GLU A 358 32.24 -0.11 -18.07
N PHE A 359 32.01 1.16 -18.35
CA PHE A 359 30.72 1.71 -17.96
C PHE A 359 29.95 2.22 -19.16
N SER A 360 30.22 1.67 -20.30
CA SER A 360 29.54 2.11 -21.50
C SER A 360 28.14 1.55 -21.59
N SER A 361 27.24 2.42 -22.03
CA SER A 361 25.89 2.02 -22.25
C SER A 361 25.76 0.91 -23.30
N LYS A 362 26.64 0.87 -24.30
CA LYS A 362 26.59 -0.22 -25.26
C LYS A 362 26.85 -1.57 -24.61
N LYS A 363 27.92 -1.64 -23.83
CA LYS A 363 28.21 -2.85 -23.13
C LYS A 363 27.10 -3.24 -22.06
N ILE A 364 26.73 -2.32 -21.17
CA ILE A 364 25.80 -2.64 -20.06
C ILE A 364 24.42 -3.03 -20.64
N VAL A 365 23.96 -2.32 -21.66
CA VAL A 365 22.63 -2.59 -22.26
C VAL A 365 22.58 -3.99 -22.84
N SER A 366 23.70 -4.39 -23.43
CA SER A 366 23.78 -5.72 -23.99
C SER A 366 23.86 -6.74 -22.92
N GLN A 367 24.44 -6.42 -21.77
CA GLN A 367 24.38 -7.37 -20.67
C GLN A 367 22.92 -7.58 -20.22
N TYR A 368 22.13 -6.51 -20.22
CA TYR A 368 20.76 -6.65 -19.77
C TYR A 368 20.01 -7.46 -20.86
N GLU A 369 20.33 -7.19 -22.11
CA GLU A 369 19.67 -7.86 -23.26
C GLU A 369 19.85 -9.33 -23.30
N GLN A 370 21.03 -9.77 -22.92
CA GLN A 370 21.36 -11.16 -22.80
C GLN A 370 20.53 -11.85 -21.72
N ILE A 371 20.33 -11.20 -20.58
CA ILE A 371 19.42 -11.77 -19.63
C ILE A 371 18.00 -11.94 -20.23
N TYR A 372 17.47 -10.89 -20.82
CA TYR A 372 16.17 -11.00 -21.37
C TYR A 372 16.12 -12.12 -22.41
N ALA A 373 17.17 -12.23 -23.24
CA ALA A 373 17.24 -13.27 -24.26
C ALA A 373 17.26 -14.65 -23.65
N ASP A 374 17.96 -14.84 -22.53
CA ASP A 374 17.98 -16.16 -21.89
C ASP A 374 16.57 -16.52 -21.42
N LEU A 375 15.74 -15.55 -21.05
CA LEU A 375 14.48 -15.86 -20.38
C LEU A 375 13.32 -16.03 -21.35
N ALA A 376 13.32 -15.30 -22.46
CA ALA A 376 12.33 -15.52 -23.49
C ALA A 376 12.63 -16.75 -24.39
N GLU A 377 11.62 -17.29 -25.09
CA GLU A 377 11.72 -18.40 -26.11
C GLU A 377 10.30 -18.64 -26.58
N ARG B 4 -10.87 -30.73 18.80
CA ARG B 4 -9.40 -30.51 18.63
C ARG B 4 -9.03 -28.99 18.53
N LYS B 5 -8.22 -28.51 19.47
CA LYS B 5 -7.95 -27.09 19.61
C LYS B 5 -6.99 -26.67 18.47
N LEU B 6 -7.33 -25.59 17.78
CA LEU B 6 -6.54 -25.09 16.65
C LEU B 6 -6.00 -23.72 16.99
N LYS B 7 -4.93 -23.36 16.29
CA LYS B 7 -4.41 -22.02 16.35
C LYS B 7 -4.80 -21.31 15.07
N ILE B 8 -5.52 -20.22 15.23
CA ILE B 8 -6.17 -19.55 14.16
C ILE B 8 -5.75 -18.09 14.10
N GLY B 9 -5.16 -17.68 12.95
CA GLY B 9 -4.88 -16.28 12.69
C GLY B 9 -6.05 -15.63 12.00
N ILE B 10 -6.30 -14.36 12.25
CA ILE B 10 -7.46 -13.69 11.70
C ILE B 10 -6.95 -12.38 11.24
N THR B 11 -7.15 -12.04 9.98
CA THR B 11 -6.60 -10.83 9.46
C THR B 11 -7.71 -10.02 8.87
N CYS B 12 -7.89 -8.80 9.34
CA CYS B 12 -9.04 -7.98 8.97
C CYS B 12 -8.77 -6.53 9.39
N TYR B 13 -9.70 -5.64 9.10
CA TYR B 13 -9.80 -4.29 9.66
C TYR B 13 -10.78 -4.29 10.86
N PRO B 14 -10.24 -4.27 12.06
CA PRO B 14 -10.99 -4.52 13.29
C PRO B 14 -12.23 -3.74 13.49
N SER B 15 -12.39 -2.60 12.87
CA SER B 15 -13.72 -2.09 12.77
C SER B 15 -13.96 -1.01 11.76
N VAL B 16 -14.34 -1.46 10.60
CA VAL B 16 -15.31 -0.81 9.79
C VAL B 16 -16.51 -1.38 10.52
N GLY B 17 -17.70 -0.90 10.27
CA GLY B 17 -18.84 -1.29 11.07
C GLY B 17 -19.25 -2.71 11.35
N GLY B 18 -19.75 -3.37 10.32
CA GLY B 18 -20.28 -4.70 10.41
C GLY B 18 -19.21 -5.77 10.36
N SER B 19 -18.39 -5.79 9.34
CA SER B 19 -17.36 -6.82 9.20
C SER B 19 -16.38 -6.93 10.33
N GLY B 20 -15.90 -5.80 10.78
CA GLY B 20 -14.98 -5.75 11.86
C GLY B 20 -15.57 -6.41 13.09
N ILE B 21 -16.79 -6.01 13.41
CA ILE B 21 -17.50 -6.59 14.54
C ILE B 21 -17.61 -8.10 14.36
N ILE B 22 -17.89 -8.57 13.15
CA ILE B 22 -18.08 -9.97 12.94
C ILE B 22 -16.76 -10.72 13.17
N ALA B 23 -15.68 -10.22 12.60
CA ALA B 23 -14.40 -10.92 12.73
C ALA B 23 -13.98 -10.97 14.15
N THR B 24 -14.22 -9.88 14.89
CA THR B 24 -13.73 -9.82 16.29
C THR B 24 -14.57 -10.76 17.15
N GLU B 25 -15.88 -10.61 16.95
CA GLU B 25 -16.82 -11.48 17.62
C GLU B 25 -16.55 -12.94 17.32
N LEU B 26 -16.23 -13.25 16.06
CA LEU B 26 -16.01 -14.64 15.74
C LEU B 26 -14.81 -15.13 16.50
N GLY B 27 -13.70 -14.38 16.42
CA GLY B 27 -12.53 -14.70 17.27
C GLY B 27 -12.87 -14.86 18.77
N LYS B 28 -13.70 -13.96 19.29
CA LYS B 28 -14.08 -14.10 20.72
C LYS B 28 -14.76 -15.43 20.98
N GLN B 29 -15.73 -15.82 20.13
CA GLN B 29 -16.44 -17.13 20.31
C GLN B 29 -15.59 -18.34 20.08
N LEU B 30 -14.66 -18.30 19.14
CA LEU B 30 -13.69 -19.45 19.02
C LEU B 30 -12.77 -19.58 20.30
N ALA B 31 -12.30 -18.43 20.78
CA ALA B 31 -11.54 -18.36 22.07
C ALA B 31 -12.31 -19.08 23.17
N GLU B 32 -13.56 -18.65 23.40
CA GLU B 32 -14.46 -19.31 24.38
C GLU B 32 -14.55 -20.82 24.14
N LYS B 33 -14.33 -21.29 22.92
CA LYS B 33 -14.38 -22.72 22.71
C LYS B 33 -13.04 -23.39 22.87
N GLY B 34 -12.05 -22.67 23.38
CA GLY B 34 -10.72 -23.24 23.61
C GLY B 34 -9.69 -23.11 22.47
N HIS B 35 -10.06 -22.45 21.37
CA HIS B 35 -9.09 -22.26 20.28
C HIS B 35 -8.17 -21.11 20.62
N GLU B 36 -6.98 -21.14 20.04
CA GLU B 36 -6.01 -20.07 20.24
C GLU B 36 -6.06 -19.13 19.01
N ILE B 37 -6.41 -17.87 19.26
CA ILE B 37 -6.76 -16.89 18.24
C ILE B 37 -5.72 -15.80 18.25
N HIS B 38 -5.26 -15.41 17.06
CA HIS B 38 -4.24 -14.42 16.90
C HIS B 38 -4.68 -13.43 15.90
N PHE B 39 -5.13 -12.28 16.35
CA PHE B 39 -5.47 -11.20 15.46
C PHE B 39 -4.19 -10.54 14.91
N ILE B 40 -4.12 -10.32 13.59
CA ILE B 40 -3.01 -9.64 12.93
C ILE B 40 -3.66 -8.49 12.15
N THR B 41 -3.45 -7.28 12.64
CA THR B 41 -4.19 -6.10 12.25
C THR B 41 -3.34 -4.86 12.42
N SER B 42 -3.82 -3.71 11.96
CA SER B 42 -3.38 -2.42 12.49
C SER B 42 -3.55 -2.42 14.01
N SER B 43 -2.74 -1.59 14.69
CA SER B 43 -2.72 -1.51 16.18
C SER B 43 -4.12 -1.34 16.73
N ILE B 44 -4.42 -1.99 17.86
CA ILE B 44 -5.71 -1.80 18.56
C ILE B 44 -5.47 -0.87 19.76
N PRO B 45 -6.51 -0.09 20.19
CA PRO B 45 -6.60 0.45 21.56
C PRO B 45 -7.40 -0.44 22.53
N TYR B 51 -10.26 -8.80 27.64
CA TYR B 51 -10.02 -9.91 26.71
C TYR B 51 -9.55 -11.24 27.28
N HIS B 52 -10.04 -12.27 26.62
CA HIS B 52 -9.82 -13.66 26.99
C HIS B 52 -8.34 -13.98 26.87
N PRO B 53 -7.80 -14.83 27.75
CA PRO B 53 -6.36 -15.26 27.68
C PRO B 53 -5.89 -15.98 26.40
N ASN B 54 -6.77 -16.73 25.75
CA ASN B 54 -6.50 -17.36 24.43
C ASN B 54 -6.56 -16.43 23.21
N ILE B 55 -6.89 -15.16 23.36
CA ILE B 55 -6.83 -14.21 22.25
C ILE B 55 -5.57 -13.37 22.38
N HIS B 56 -4.80 -13.28 21.30
CA HIS B 56 -3.59 -12.45 21.21
C HIS B 56 -3.64 -11.49 20.01
N PHE B 57 -3.05 -10.33 20.19
CA PHE B 57 -3.04 -9.29 19.22
C PHE B 57 -1.60 -9.03 18.75
N HIS B 58 -1.42 -9.03 17.43
CA HIS B 58 -0.20 -8.69 16.73
C HIS B 58 -0.49 -7.55 15.86
N GLU B 59 0.40 -6.59 15.91
CA GLU B 59 0.17 -5.32 15.30
C GLU B 59 1.06 -5.16 14.07
N VAL B 60 0.50 -4.61 13.03
CA VAL B 60 1.23 -4.26 11.85
C VAL B 60 1.54 -2.80 11.96
N GLU B 61 2.81 -2.44 11.99
CA GLU B 61 3.22 -1.05 11.95
C GLU B 61 3.72 -0.81 10.54
N VAL B 62 3.09 0.11 9.83
CA VAL B 62 3.62 0.49 8.54
C VAL B 62 4.49 1.75 8.68
N ASN B 63 5.63 1.73 7.97
CA ASN B 63 6.50 2.90 7.85
C ASN B 63 6.76 3.18 6.39
N GLN B 64 7.15 4.40 6.10
CA GLN B 64 7.48 4.77 4.77
C GLN B 64 8.94 4.45 4.50
N TYR B 65 9.75 4.40 5.56
CA TYR B 65 11.15 4.01 5.43
C TYR B 65 11.93 4.88 4.46
N ALA B 66 11.40 6.02 4.09
CA ALA B 66 12.03 6.83 3.08
C ALA B 66 12.49 6.12 1.82
N VAL B 67 11.86 5.01 1.46
CA VAL B 67 12.14 4.39 0.18
C VAL B 67 10.85 4.28 -0.59
N PHE B 68 9.84 3.86 0.12
CA PHE B 68 8.55 3.69 -0.40
C PHE B 68 7.82 5.03 -0.62
N LYS B 69 7.32 5.25 -1.83
CA LYS B 69 6.49 6.39 -2.14
C LYS B 69 5.14 6.31 -1.42
N TYR B 70 4.54 5.12 -1.43
CA TYR B 70 3.33 4.84 -0.64
C TYR B 70 3.69 3.90 0.48
N PRO B 71 3.07 4.04 1.65
CA PRO B 71 3.36 3.06 2.69
C PRO B 71 2.97 1.62 2.23
N PRO B 72 3.88 0.64 2.35
CA PRO B 72 3.53 -0.70 1.88
C PRO B 72 2.77 -1.53 2.95
N TYR B 73 1.55 -1.15 3.30
CA TYR B 73 0.75 -1.91 4.25
C TYR B 73 0.49 -3.32 3.79
N ASP B 74 0.15 -3.52 2.53
CA ASP B 74 -0.12 -4.92 2.03
C ASP B 74 1.06 -5.87 2.31
N LEU B 75 2.25 -5.43 1.95
CA LEU B 75 3.48 -6.24 2.03
C LEU B 75 3.91 -6.36 3.45
N THR B 76 3.66 -5.30 4.21
CA THR B 76 3.97 -5.35 5.63
C THR B 76 3.04 -6.30 6.32
N LEU B 77 1.77 -6.24 5.96
CA LEU B 77 0.81 -7.17 6.53
C LEU B 77 1.17 -8.64 6.17
N ALA B 78 1.54 -8.88 4.90
CA ALA B 78 1.91 -10.24 4.47
C ALA B 78 3.04 -10.77 5.28
N SER B 79 4.05 -9.95 5.43
CA SER B 79 5.23 -10.25 6.22
C SER B 79 4.90 -10.65 7.61
N LYS B 80 4.14 -9.79 8.26
CA LYS B 80 3.68 -10.07 9.64
C LYS B 80 2.80 -11.27 9.71
N ILE B 81 1.94 -11.52 8.72
CA ILE B 81 1.21 -12.83 8.80
C ILE B 81 2.16 -14.06 8.83
N ALA B 82 3.15 -14.04 7.95
CA ALA B 82 4.06 -15.15 7.81
C ALA B 82 4.87 -15.29 9.10
N GLU B 83 5.26 -14.16 9.69
CA GLU B 83 6.06 -14.20 10.91
C GLU B 83 5.26 -14.85 12.03
N VAL B 84 4.03 -14.40 12.22
CA VAL B 84 3.18 -14.99 13.24
C VAL B 84 2.81 -16.43 12.95
N ALA B 85 2.57 -16.76 11.70
CA ALA B 85 2.20 -18.09 11.34
C ALA B 85 3.26 -19.01 11.82
N GLU B 86 4.49 -18.61 11.63
CA GLU B 86 5.60 -19.47 11.92
C GLU B 86 5.92 -19.57 13.40
N ARG B 87 5.97 -18.45 14.06
CA ARG B 87 6.26 -18.43 15.47
C ARG B 87 5.21 -19.13 16.30
N GLU B 88 3.94 -18.92 15.96
CA GLU B 88 2.87 -19.52 16.73
C GLU B 88 2.43 -20.83 16.15
N ASN B 89 3.03 -21.27 15.06
CA ASN B 89 2.54 -22.45 14.35
C ASN B 89 1.00 -22.48 14.05
N LEU B 90 0.53 -21.42 13.44
CA LEU B 90 -0.85 -21.33 13.08
C LEU B 90 -1.31 -22.45 12.15
N ASP B 91 -2.51 -22.98 12.38
CA ASP B 91 -3.14 -23.95 11.48
C ASP B 91 -3.87 -23.24 10.35
N ILE B 92 -4.46 -22.09 10.64
CA ILE B 92 -5.32 -21.39 9.69
C ILE B 92 -4.98 -19.92 9.63
N ILE B 93 -5.09 -19.31 8.46
CA ILE B 93 -5.29 -17.88 8.46
C ILE B 93 -6.65 -17.53 7.84
N HIS B 94 -7.46 -16.80 8.58
CA HIS B 94 -8.78 -16.39 8.15
C HIS B 94 -8.75 -14.94 7.80
N ALA B 95 -8.90 -14.70 6.51
CA ALA B 95 -8.96 -13.37 6.00
C ALA B 95 -10.36 -12.89 5.79
N HIS B 96 -10.61 -11.65 6.22
CA HIS B 96 -11.89 -10.99 5.95
C HIS B 96 -11.64 -9.93 4.92
N TYR B 97 -12.32 -10.07 3.77
CA TYR B 97 -12.11 -9.31 2.56
C TYR B 97 -11.08 -9.97 1.62
N ALA B 98 -11.43 -10.03 0.34
CA ALA B 98 -10.53 -10.54 -0.66
C ALA B 98 -9.36 -9.58 -0.77
N LEU B 99 -9.66 -8.29 -0.85
CA LEU B 99 -8.65 -7.29 -0.89
C LEU B 99 -8.69 -6.39 0.36
N PRO B 100 -7.53 -6.21 1.00
CA PRO B 100 -6.21 -6.78 0.66
C PRO B 100 -5.96 -8.13 1.29
N HIS B 101 -6.84 -8.55 2.18
CA HIS B 101 -6.37 -9.52 3.18
C HIS B 101 -6.12 -10.85 2.61
N ALA B 102 -6.95 -11.30 1.67
CA ALA B 102 -6.75 -12.66 1.14
C ALA B 102 -5.50 -12.75 0.29
N VAL B 103 -5.19 -11.69 -0.44
CA VAL B 103 -3.93 -11.65 -1.19
C VAL B 103 -2.73 -11.63 -0.26
N CYS B 104 -2.80 -10.83 0.82
CA CYS B 104 -1.75 -10.90 1.85
C CYS B 104 -1.57 -12.27 2.48
N ALA B 105 -2.67 -12.95 2.73
CA ALA B 105 -2.60 -14.31 3.28
C ALA B 105 -1.89 -15.24 2.27
N TYR B 106 -2.25 -15.09 1.03
CA TYR B 106 -1.61 -15.86 0.00
C TYR B 106 -0.12 -15.57 -0.05
N LEU B 107 0.29 -14.33 -0.02
CA LEU B 107 1.70 -14.01 -0.03
C LEU B 107 2.44 -14.60 1.15
N ALA B 108 1.79 -14.57 2.30
CA ALA B 108 2.38 -15.06 3.54
C ALA B 108 2.57 -16.56 3.44
N LYS B 109 1.60 -17.23 2.83
CA LYS B 109 1.64 -18.68 2.60
C LYS B 109 2.77 -19.10 1.68
N GLN B 110 3.04 -18.33 0.61
CA GLN B 110 4.18 -18.62 -0.27
C GLN B 110 5.51 -18.36 0.46
N MET B 111 5.60 -17.35 1.34
CA MET B 111 6.82 -17.17 2.19
C MET B 111 7.07 -18.29 3.18
N LEU B 112 6.02 -18.83 3.77
CA LEU B 112 6.13 -19.87 4.80
C LEU B 112 6.61 -21.15 4.16
N LYS B 113 7.37 -21.93 4.89
CA LYS B 113 7.84 -23.17 4.30
C LYS B 113 6.66 -24.14 4.47
N ARG B 114 6.00 -24.05 5.63
CA ARG B 114 4.81 -24.85 5.95
C ARG B 114 3.64 -24.44 5.07
N ASN B 115 2.83 -25.43 4.71
CA ASN B 115 1.46 -25.18 4.29
C ASN B 115 0.66 -24.64 5.51
N ILE B 116 -0.39 -23.92 5.17
CA ILE B 116 -1.30 -23.38 6.14
C ILE B 116 -2.64 -23.22 5.40
N GLY B 117 -3.78 -23.46 6.02
CA GLY B 117 -5.08 -23.23 5.33
C GLY B 117 -5.49 -21.77 5.32
N ILE B 118 -5.96 -21.31 4.19
CA ILE B 118 -6.48 -19.99 4.06
C ILE B 118 -7.98 -20.08 3.87
N VAL B 119 -8.70 -19.34 4.71
CA VAL B 119 -10.10 -19.16 4.59
C VAL B 119 -10.34 -17.72 4.36
N THR B 120 -11.14 -17.41 3.35
CA THR B 120 -11.48 -16.04 3.08
C THR B 120 -12.99 -15.84 3.20
N THR B 121 -13.43 -14.76 3.84
CA THR B 121 -14.87 -14.43 3.93
C THR B 121 -15.09 -13.16 3.20
N LEU B 122 -15.97 -13.21 2.21
CA LEU B 122 -16.40 -12.02 1.49
C LEU B 122 -17.53 -11.32 2.20
N HIS B 123 -17.34 -10.01 2.49
CA HIS B 123 -18.41 -9.21 3.08
C HIS B 123 -19.07 -8.30 2.11
N GLY B 124 -18.59 -8.15 0.88
CA GLY B 124 -19.28 -7.26 -0.04
C GLY B 124 -18.40 -6.13 -0.51
N THR B 125 -17.32 -5.87 0.19
CA THR B 125 -16.52 -4.73 -0.13
C THR B 125 -15.71 -4.90 -1.38
N ASP B 126 -15.49 -6.14 -1.81
CA ASP B 126 -14.83 -6.40 -3.07
C ASP B 126 -15.72 -6.02 -4.28
N ILE B 127 -17.03 -6.15 -4.10
CA ILE B 127 -17.99 -5.67 -5.11
C ILE B 127 -17.97 -4.13 -5.18
N THR B 128 -18.00 -3.48 -4.06
CA THR B 128 -17.88 -1.98 -4.00
C THR B 128 -16.64 -1.46 -4.70
N VAL B 129 -15.49 -2.03 -4.38
CA VAL B 129 -14.24 -1.61 -4.93
C VAL B 129 -14.25 -1.83 -6.43
N LEU B 130 -14.84 -2.94 -6.85
CA LEU B 130 -14.91 -3.29 -8.24
C LEU B 130 -15.77 -2.28 -9.00
N GLY B 131 -16.84 -1.77 -8.40
CA GLY B 131 -17.60 -0.68 -8.97
C GLY B 131 -16.77 0.60 -9.17
N TYR B 132 -15.80 0.86 -8.31
CA TYR B 132 -14.89 2.01 -8.50
C TYR B 132 -13.77 1.72 -9.50
N ASP B 133 -13.26 0.50 -9.50
CA ASP B 133 -12.19 0.14 -10.40
C ASP B 133 -12.35 -1.27 -10.94
N PRO B 134 -13.09 -1.41 -12.05
CA PRO B 134 -13.37 -2.70 -12.61
C PRO B 134 -12.12 -3.43 -13.04
N SER B 135 -10.96 -2.77 -13.11
CA SER B 135 -9.74 -3.46 -13.57
C SER B 135 -9.16 -4.36 -12.50
N LEU B 136 -9.66 -4.22 -11.26
CA LEU B 136 -9.29 -5.15 -10.19
C LEU B 136 -9.96 -6.55 -10.27
N LYS B 137 -10.82 -6.77 -11.26
CA LYS B 137 -11.49 -8.05 -11.41
C LYS B 137 -10.55 -9.19 -11.29
N ASP B 138 -9.50 -9.25 -12.10
CA ASP B 138 -8.62 -10.42 -12.07
C ASP B 138 -7.89 -10.69 -10.77
N LEU B 139 -7.47 -9.62 -10.12
CA LEU B 139 -6.82 -9.71 -8.82
C LEU B 139 -7.79 -10.29 -7.78
N ILE B 140 -9.03 -9.80 -7.76
CA ILE B 140 -10.02 -10.37 -6.83
C ILE B 140 -10.29 -11.86 -7.13
N ARG B 141 -10.33 -12.19 -8.41
CA ARG B 141 -10.54 -13.57 -8.80
C ARG B 141 -9.40 -14.46 -8.32
N PHE B 142 -8.19 -14.01 -8.58
CA PHE B 142 -7.02 -14.71 -8.08
C PHE B 142 -7.03 -14.91 -6.56
N ALA B 143 -7.41 -13.86 -5.87
CA ALA B 143 -7.43 -13.93 -4.40
C ALA B 143 -8.40 -14.98 -3.90
N ILE B 144 -9.58 -15.00 -4.50
CA ILE B 144 -10.61 -16.04 -4.21
C ILE B 144 -10.11 -17.34 -4.60
N GLU B 145 -9.51 -17.46 -5.80
CA GLU B 145 -9.12 -18.81 -6.24
C GLU B 145 -7.97 -19.42 -5.41
N SER B 146 -7.13 -18.55 -4.86
CA SER B 146 -5.94 -18.92 -4.13
C SER B 146 -6.28 -19.17 -2.68
N SER B 147 -7.48 -18.90 -2.21
CA SER B 147 -7.86 -19.35 -0.84
C SER B 147 -8.25 -20.87 -0.82
N ASP B 148 -8.08 -21.57 0.30
CA ASP B 148 -8.57 -22.97 0.37
C ASP B 148 -10.11 -23.03 0.46
N ARG B 149 -10.73 -22.18 1.27
CA ARG B 149 -12.17 -22.15 1.39
C ARG B 149 -12.60 -20.72 1.38
N VAL B 150 -13.73 -20.44 0.75
CA VAL B 150 -14.20 -19.10 0.64
C VAL B 150 -15.68 -19.09 1.03
N THR B 151 -16.06 -18.12 1.84
CA THR B 151 -17.41 -18.03 2.34
C THR B 151 -17.88 -16.65 1.94
N ALA B 152 -19.20 -16.49 1.92
CA ALA B 152 -19.83 -15.17 1.77
C ALA B 152 -20.91 -14.95 2.80
N VAL B 153 -21.14 -13.72 3.22
CA VAL B 153 -22.16 -13.48 4.22
C VAL B 153 -23.65 -13.61 3.73
N SER B 154 -23.90 -13.70 2.42
CA SER B 154 -25.24 -14.03 1.90
C SER B 154 -25.11 -14.78 0.61
N SER B 155 -26.16 -15.53 0.30
CA SER B 155 -26.28 -16.14 -1.04
C SER B 155 -26.34 -15.10 -2.13
N ALA B 156 -26.98 -13.97 -1.91
CA ALA B 156 -26.95 -12.94 -2.95
C ALA B 156 -25.53 -12.30 -3.15
N LEU B 157 -24.74 -12.13 -2.10
CA LEU B 157 -23.39 -11.69 -2.32
C LEU B 157 -22.60 -12.76 -3.15
N ALA B 158 -22.78 -14.00 -2.81
CA ALA B 158 -22.12 -15.06 -3.53
C ALA B 158 -22.46 -15.04 -5.00
N ALA B 159 -23.73 -14.91 -5.34
CA ALA B 159 -24.21 -14.80 -6.76
C ALA B 159 -23.70 -13.58 -7.45
N GLU B 160 -23.71 -12.44 -6.75
CA GLU B 160 -23.09 -11.28 -7.33
C GLU B 160 -21.59 -11.45 -7.58
N THR B 161 -20.90 -12.13 -6.69
CA THR B 161 -19.53 -12.41 -6.91
C THR B 161 -19.28 -13.27 -8.11
N TYR B 162 -20.03 -14.35 -8.24
CA TYR B 162 -19.91 -15.23 -9.42
C TYR B 162 -20.15 -14.52 -10.72
N ASP B 163 -21.13 -13.64 -10.70
CA ASP B 163 -21.44 -12.79 -11.84
C ASP B 163 -20.36 -11.77 -12.24
N LEU B 164 -19.70 -11.06 -11.30
CA LEU B 164 -18.75 -10.00 -11.67
C LEU B 164 -17.32 -10.52 -11.70
N ILE B 165 -17.03 -11.53 -10.90
CA ILE B 165 -15.66 -11.97 -10.70
C ILE B 165 -15.40 -13.27 -11.38
N LYS B 166 -16.42 -14.12 -11.47
CA LYS B 166 -16.37 -15.40 -12.21
C LYS B 166 -15.21 -16.31 -11.77
N PRO B 167 -15.05 -16.57 -10.44
CA PRO B 167 -13.91 -17.44 -10.07
C PRO B 167 -14.27 -18.88 -10.18
N GLU B 168 -13.26 -19.66 -10.41
CA GLU B 168 -13.35 -21.05 -10.38
C GLU B 168 -13.25 -21.53 -8.91
N LYS B 169 -14.30 -21.40 -8.15
CA LYS B 169 -14.22 -21.59 -6.72
C LYS B 169 -15.61 -21.62 -6.20
N LYS B 170 -15.87 -22.58 -5.33
CA LYS B 170 -17.11 -22.68 -4.58
C LYS B 170 -17.09 -21.64 -3.50
N ILE B 171 -18.10 -20.82 -3.51
CA ILE B 171 -18.21 -19.84 -2.45
C ILE B 171 -19.36 -20.25 -1.54
N GLU B 172 -19.11 -20.48 -0.27
CA GLU B 172 -20.12 -21.08 0.61
C GLU B 172 -20.79 -19.94 1.40
N THR B 173 -22.09 -20.02 1.56
CA THR B 173 -22.79 -19.03 2.30
C THR B 173 -22.72 -19.33 3.80
N ILE B 174 -22.12 -18.43 4.60
CA ILE B 174 -22.25 -18.53 6.06
C ILE B 174 -22.69 -17.17 6.52
N TYR B 175 -23.84 -17.11 7.17
CA TYR B 175 -24.46 -15.89 7.53
C TYR B 175 -23.74 -15.17 8.66
N ASN B 176 -24.01 -13.87 8.79
CA ASN B 176 -23.65 -13.20 10.00
C ASN B 176 -24.53 -13.57 11.20
N PHE B 177 -24.10 -13.13 12.37
CA PHE B 177 -24.74 -13.43 13.62
C PHE B 177 -24.46 -12.28 14.57
N ILE B 178 -25.19 -12.27 15.66
CA ILE B 178 -25.03 -11.24 16.73
C ILE B 178 -24.58 -11.92 18.01
N ASP B 179 -23.81 -11.20 18.77
CA ASP B 179 -23.58 -11.62 20.12
C ASP B 179 -24.86 -12.31 20.69
N ASN B 187 -34.36 -1.98 30.72
CA ASN B 187 -34.89 -0.72 31.31
C ASN B 187 -35.09 0.46 30.36
N THR B 188 -36.05 0.29 29.46
CA THR B 188 -36.40 1.28 28.43
C THR B 188 -37.03 2.55 28.92
N ALA B 189 -37.58 2.56 30.14
CA ALA B 189 -38.13 3.83 30.68
C ALA B 189 -36.99 4.78 30.94
N ALA B 190 -35.94 4.35 31.64
CA ALA B 190 -34.79 5.21 31.85
C ALA B 190 -34.13 5.67 30.55
N ILE B 191 -34.06 4.79 29.55
CA ILE B 191 -33.41 5.20 28.31
C ILE B 191 -34.24 6.21 27.59
N LYS B 192 -35.54 5.97 27.51
CA LYS B 192 -36.42 6.97 26.91
C LYS B 192 -36.32 8.32 27.62
N GLU B 193 -36.22 8.26 28.94
CA GLU B 193 -36.11 9.47 29.75
C GLU B 193 -34.75 10.13 29.37
N LYS B 194 -33.65 9.42 29.50
CA LYS B 194 -32.38 10.01 29.09
C LYS B 194 -32.53 10.79 27.77
N HIS B 195 -33.20 10.22 26.78
CA HIS B 195 -33.29 10.88 25.51
C HIS B 195 -34.48 11.76 25.31
N GLY B 196 -35.21 12.11 26.38
CA GLY B 196 -36.38 13.01 26.27
C GLY B 196 -37.44 12.50 25.32
N ILE B 197 -37.65 11.18 25.35
CA ILE B 197 -38.76 10.61 24.58
C ILE B 197 -39.87 10.32 25.57
N LEU B 198 -41.08 10.73 25.20
CA LEU B 198 -42.24 10.55 26.02
C LEU B 198 -42.84 9.18 25.74
N PRO B 199 -43.48 8.63 26.77
CA PRO B 199 -44.25 7.40 26.76
C PRO B 199 -45.15 7.16 25.54
N ASP B 200 -45.67 8.21 24.92
CA ASP B 200 -46.62 8.03 23.82
C ASP B 200 -46.06 8.29 22.43
N GLU B 201 -44.76 8.51 22.34
CA GLU B 201 -44.11 8.64 21.03
C GLU B 201 -43.70 7.26 20.53
N LYS B 202 -44.06 7.00 19.28
CA LYS B 202 -43.58 5.88 18.47
C LYS B 202 -42.13 6.14 18.03
N VAL B 203 -41.26 5.16 18.27
CA VAL B 203 -39.84 5.36 18.05
C VAL B 203 -39.38 4.58 16.83
N VAL B 204 -39.00 5.32 15.80
CA VAL B 204 -38.37 4.75 14.61
C VAL B 204 -36.84 4.85 14.68
N ILE B 205 -36.17 3.77 14.30
CA ILE B 205 -34.69 3.71 14.33
C ILE B 205 -34.03 3.33 12.99
N HIS B 206 -32.90 3.99 12.72
CA HIS B 206 -32.04 3.75 11.54
C HIS B 206 -30.58 3.94 11.95
N VAL B 207 -29.84 2.89 11.67
CA VAL B 207 -28.44 2.76 12.07
C VAL B 207 -27.71 2.45 10.76
N SER B 208 -26.74 3.29 10.42
CA SER B 208 -25.96 3.06 9.19
C SER B 208 -24.73 3.92 9.23
N ASN B 209 -23.93 3.76 8.19
CA ASN B 209 -22.69 4.51 7.98
C ASN B 209 -22.95 5.73 7.03
N PHE B 210 -24.21 6.11 6.83
CA PHE B 210 -24.53 7.33 6.09
C PHE B 210 -23.84 7.48 4.72
N ARG B 211 -23.72 6.38 3.98
CA ARG B 211 -23.20 6.45 2.65
C ARG B 211 -24.35 6.51 1.76
N LYS B 212 -24.12 6.93 0.52
CA LYS B 212 -25.20 7.19 -0.44
C LYS B 212 -26.01 5.97 -0.67
N VAL B 213 -25.36 4.79 -0.64
CA VAL B 213 -26.10 3.54 -0.90
C VAL B 213 -27.15 3.21 0.17
N LYS B 214 -26.99 3.84 1.33
CA LYS B 214 -27.97 3.67 2.40
C LYS B 214 -29.28 4.44 2.19
N ARG B 215 -29.26 5.48 1.35
CA ARG B 215 -30.45 6.25 1.02
C ARG B 215 -31.14 6.81 2.27
N VAL B 216 -30.40 7.48 3.10
CA VAL B 216 -31.03 8.11 4.22
C VAL B 216 -32.18 9.06 3.84
N GLN B 217 -32.06 9.73 2.71
CA GLN B 217 -33.10 10.60 2.24
C GLN B 217 -34.44 9.83 2.12
N ASP B 218 -34.40 8.54 1.81
CA ASP B 218 -35.62 7.74 1.78
C ASP B 218 -36.07 7.46 3.20
N VAL B 219 -35.14 7.23 4.11
CA VAL B 219 -35.50 7.02 5.51
C VAL B 219 -36.20 8.28 6.03
N ILE B 220 -35.75 9.45 5.61
CA ILE B 220 -36.33 10.65 6.14
C ILE B 220 -37.69 10.98 5.52
N ARG B 221 -37.85 10.86 4.21
CA ARG B 221 -39.16 11.01 3.60
C ARG B 221 -40.23 10.07 4.20
N VAL B 222 -39.87 8.83 4.51
CA VAL B 222 -40.79 7.90 5.13
C VAL B 222 -41.14 8.36 6.55
N PHE B 223 -40.13 8.83 7.28
CA PHE B 223 -40.38 9.32 8.60
C PHE B 223 -41.24 10.59 8.63
N ARG B 224 -41.15 11.42 7.60
CA ARG B 224 -41.97 12.63 7.51
C ARG B 224 -43.39 12.16 7.42
N ASN B 225 -43.63 11.26 6.48
CA ASN B 225 -44.92 10.65 6.34
C ASN B 225 -45.44 10.05 7.63
N ILE B 226 -44.56 9.49 8.44
CA ILE B 226 -44.99 8.84 9.66
C ILE B 226 -45.37 9.87 10.69
N ALA B 227 -44.47 10.80 10.93
CA ALA B 227 -44.67 11.74 12.01
C ALA B 227 -45.78 12.74 11.69
N GLY B 228 -46.25 12.73 10.45
CA GLY B 228 -47.35 13.53 10.03
C GLY B 228 -48.65 12.77 10.05
N LYS B 229 -48.69 11.69 10.80
CA LYS B 229 -49.89 10.90 11.00
C LYS B 229 -50.07 10.48 12.45
N THR B 230 -48.98 10.05 13.07
CA THR B 230 -49.00 9.66 14.48
C THR B 230 -47.87 10.46 15.07
N LYS B 231 -47.70 10.40 16.40
CA LYS B 231 -46.66 11.14 17.11
C LYS B 231 -45.40 10.30 17.31
N ALA B 232 -44.25 10.85 16.91
CA ALA B 232 -43.10 10.02 16.55
C ALA B 232 -41.76 10.69 16.66
N LYS B 233 -40.78 9.87 16.96
CA LYS B 233 -39.42 10.30 17.03
C LYS B 233 -38.57 9.33 16.18
N LEU B 234 -37.66 9.89 15.40
CA LEU B 234 -36.69 9.14 14.61
C LEU B 234 -35.34 9.18 15.30
N LEU B 235 -34.75 8.00 15.54
CA LEU B 235 -33.33 7.92 15.99
C LEU B 235 -32.42 7.61 14.78
N LEU B 236 -31.55 8.56 14.45
CA LEU B 236 -30.57 8.37 13.37
C LEU B 236 -29.29 8.13 14.06
N VAL B 237 -28.70 6.96 13.82
CA VAL B 237 -27.56 6.49 14.57
C VAL B 237 -26.47 6.20 13.53
N GLY B 238 -25.29 6.74 13.80
CA GLY B 238 -24.10 6.62 12.97
C GLY B 238 -23.63 7.96 12.45
N ASP B 239 -22.49 7.94 11.77
CA ASP B 239 -21.97 9.14 11.11
C ASP B 239 -21.39 8.75 9.76
N GLY B 240 -21.38 9.68 8.83
CA GLY B 240 -20.81 9.36 7.54
C GLY B 240 -21.07 10.46 6.57
N PRO B 241 -20.67 10.27 5.30
CA PRO B 241 -20.64 11.33 4.27
C PRO B 241 -21.95 12.07 4.01
N GLU B 242 -23.05 11.39 4.10
CA GLU B 242 -24.27 12.00 3.75
C GLU B 242 -24.99 12.51 4.98
N LYS B 243 -24.26 12.80 6.03
CA LYS B 243 -24.86 13.32 7.22
C LYS B 243 -25.49 14.67 6.97
N SER B 244 -24.74 15.56 6.36
CA SER B 244 -25.22 16.89 6.16
C SER B 244 -26.34 16.90 5.16
N THR B 245 -26.37 15.94 4.28
CA THR B 245 -27.53 15.81 3.36
C THR B 245 -28.79 15.54 4.19
N ALA B 246 -28.59 14.68 5.20
CA ALA B 246 -29.63 14.32 6.17
C ALA B 246 -30.19 15.52 6.95
N CYS B 247 -29.34 16.23 7.70
CA CYS B 247 -29.75 17.49 8.39
C CYS B 247 -30.51 18.47 7.54
N GLU B 248 -29.96 18.79 6.39
CA GLU B 248 -30.58 19.70 5.45
C GLU B 248 -32.00 19.24 5.14
N LEU B 249 -32.11 17.96 4.82
CA LEU B 249 -33.43 17.40 4.56
C LEU B 249 -34.33 17.43 5.84
N ILE B 250 -33.74 17.25 7.01
CA ILE B 250 -34.51 17.35 8.24
C ILE B 250 -35.07 18.76 8.35
N ARG B 251 -34.23 19.77 8.09
CA ARG B 251 -34.66 21.18 8.18
C ARG B 251 -35.66 21.50 7.07
N LYS B 252 -35.33 21.14 5.83
CA LYS B 252 -36.29 21.32 4.72
C LYS B 252 -37.70 20.80 5.13
N TYR B 253 -37.83 19.61 5.73
CA TYR B 253 -39.15 19.10 6.09
C TYR B 253 -39.67 19.56 7.48
N GLY B 254 -38.82 20.26 8.25
CA GLY B 254 -39.17 20.79 9.54
C GLY B 254 -39.26 19.78 10.68
N LEU B 255 -38.36 18.79 10.71
CA LEU B 255 -38.49 17.67 11.65
C LEU B 255 -37.43 17.64 12.75
N GLU B 256 -36.82 18.79 13.07
CA GLU B 256 -35.70 18.87 14.04
C GLU B 256 -36.01 18.49 15.50
N ASP B 257 -37.22 18.82 15.97
CA ASP B 257 -37.68 18.42 17.32
C ASP B 257 -37.89 16.88 17.41
N GLN B 258 -38.40 16.31 16.31
CA GLN B 258 -38.78 14.92 16.18
C GLN B 258 -37.66 13.97 15.69
N VAL B 259 -36.41 14.41 15.66
CA VAL B 259 -35.33 13.53 15.18
C VAL B 259 -34.15 13.62 16.11
N LEU B 260 -33.57 12.52 16.54
CA LEU B 260 -32.36 12.56 17.33
C LEU B 260 -31.15 12.07 16.52
N MET B 261 -30.35 13.01 16.03
CA MET B 261 -29.10 12.72 15.37
C MET B 261 -28.12 12.31 16.42
N LEU B 262 -28.00 11.02 16.64
CA LEU B 262 -27.17 10.54 17.70
C LEU B 262 -25.76 10.30 17.29
N GLY B 263 -25.36 10.68 16.09
CA GLY B 263 -23.98 10.39 15.74
C GLY B 263 -23.73 8.89 15.83
N ASN B 264 -22.48 8.52 16.05
CA ASN B 264 -22.05 7.18 16.36
C ASN B 264 -22.43 6.93 17.75
N GLN B 265 -22.59 5.67 18.09
CA GLN B 265 -22.95 5.34 19.41
C GLN B 265 -22.29 4.06 19.83
N ASP B 266 -22.12 3.96 21.13
CA ASP B 266 -21.96 2.70 21.77
C ASP B 266 -23.32 2.48 22.41
N ARG B 267 -23.57 1.32 22.95
CA ARG B 267 -24.90 1.10 23.58
C ARG B 267 -26.03 1.25 22.59
N VAL B 268 -25.79 0.71 21.39
CA VAL B 268 -26.80 0.76 20.39
C VAL B 268 -27.97 -0.17 20.78
N GLU B 269 -27.71 -1.22 21.56
CA GLU B 269 -28.78 -2.08 22.06
C GLU B 269 -29.78 -1.30 22.91
N ASP B 270 -29.33 -0.28 23.65
CA ASP B 270 -30.24 0.61 24.34
C ASP B 270 -31.18 1.31 23.41
N LEU B 271 -30.67 1.66 22.24
CA LEU B 271 -31.48 2.42 21.30
C LEU B 271 -32.48 1.53 20.51
N TYR B 272 -32.06 0.34 20.17
CA TYR B 272 -32.99 -0.60 19.57
C TYR B 272 -34.01 -0.99 20.64
N SER B 273 -33.62 -1.14 21.90
CA SER B 273 -34.64 -1.56 22.92
C SER B 273 -35.80 -0.60 23.01
N ILE B 274 -35.61 0.67 22.74
CA ILE B 274 -36.71 1.60 22.86
C ILE B 274 -37.44 1.88 21.64
N SER B 275 -37.07 1.22 20.55
CA SER B 275 -37.66 1.46 19.27
C SER B 275 -38.76 0.47 18.93
N ASP B 276 -39.68 0.96 18.15
CA ASP B 276 -40.81 0.23 17.61
C ASP B 276 -40.71 -0.16 16.15
N LEU B 277 -39.77 0.46 15.41
CA LEU B 277 -39.65 0.19 13.99
C LEU B 277 -38.24 0.48 13.48
N LYS B 278 -37.70 -0.40 12.63
CA LYS B 278 -36.34 -0.21 12.13
C LYS B 278 -36.46 -0.11 10.63
N LEU B 279 -35.91 0.95 10.05
CA LEU B 279 -35.88 1.06 8.60
C LEU B 279 -34.44 0.86 8.07
N LEU B 280 -34.30 -0.02 7.08
CA LEU B 280 -33.09 -0.16 6.24
C LEU B 280 -33.45 -0.18 4.76
N LEU B 281 -33.29 0.98 4.10
CA LEU B 281 -33.81 1.16 2.72
C LEU B 281 -32.68 1.35 1.68
N SER B 282 -31.63 0.55 1.85
CA SER B 282 -30.45 0.60 1.03
C SER B 282 -30.69 0.22 -0.41
N GLU B 283 -29.83 0.75 -1.29
CA GLU B 283 -29.76 0.22 -2.66
C GLU B 283 -28.77 -0.91 -2.79
N LYS B 284 -27.79 -0.98 -1.90
CA LYS B 284 -26.83 -2.11 -1.86
C LYS B 284 -26.65 -2.52 -0.41
N GLU B 285 -26.64 -3.83 -0.18
CA GLU B 285 -26.48 -4.35 1.16
C GLU B 285 -26.27 -5.85 1.05
N SER B 286 -25.08 -6.30 1.45
CA SER B 286 -24.74 -7.68 1.34
C SER B 286 -25.38 -8.51 2.39
N PHE B 287 -25.57 -7.96 3.58
CA PHE B 287 -26.25 -8.68 4.62
C PHE B 287 -27.20 -7.78 5.42
N GLY B 288 -26.69 -6.75 6.10
CA GLY B 288 -27.57 -5.92 6.93
C GLY B 288 -27.56 -6.41 8.36
N LEU B 289 -26.39 -6.36 8.92
CA LEU B 289 -26.22 -6.81 10.27
C LEU B 289 -27.12 -6.02 11.23
N VAL B 290 -27.38 -4.75 10.93
CA VAL B 290 -28.17 -3.91 11.81
C VAL B 290 -29.58 -4.49 11.99
N LEU B 291 -30.07 -5.17 10.95
CA LEU B 291 -31.35 -5.89 11.00
C LEU B 291 -31.39 -6.95 12.06
N LEU B 292 -30.34 -7.77 12.17
CA LEU B 292 -30.29 -8.78 13.24
C LEU B 292 -30.31 -8.15 14.59
N GLU B 293 -29.63 -7.03 14.75
CA GLU B 293 -29.53 -6.44 16.07
C GLU B 293 -30.93 -5.90 16.48
N ALA B 294 -31.62 -5.29 15.54
CA ALA B 294 -32.96 -4.83 15.84
C ALA B 294 -33.93 -6.00 16.08
N MET B 295 -33.78 -7.07 15.35
CA MET B 295 -34.58 -8.25 15.56
C MET B 295 -34.33 -8.83 16.92
N ALA B 296 -33.10 -8.77 17.36
CA ALA B 296 -32.80 -9.31 18.66
C ALA B 296 -33.39 -8.51 19.76
N CYS B 297 -33.76 -7.28 19.47
CA CYS B 297 -34.30 -6.41 20.50
C CYS B 297 -35.80 -6.32 20.29
N GLY B 298 -36.36 -7.27 19.54
CA GLY B 298 -37.79 -7.23 19.23
C GLY B 298 -38.28 -6.01 18.45
N VAL B 299 -37.48 -5.53 17.50
CA VAL B 299 -37.87 -4.38 16.71
C VAL B 299 -38.20 -4.84 15.30
N PRO B 300 -39.45 -4.62 14.87
CA PRO B 300 -39.87 -5.05 13.55
C PRO B 300 -39.22 -4.18 12.50
N CYS B 301 -38.90 -4.79 11.35
CA CYS B 301 -38.08 -4.21 10.32
C CYS B 301 -38.80 -4.10 8.97
N ILE B 302 -38.52 -2.99 8.30
CA ILE B 302 -38.76 -2.83 6.89
C ILE B 302 -37.41 -2.65 6.17
N GLY B 303 -37.19 -3.40 5.11
CA GLY B 303 -36.00 -3.21 4.35
C GLY B 303 -36.32 -3.22 2.88
N THR B 304 -35.30 -2.92 2.09
CA THR B 304 -35.42 -3.00 0.64
C THR B 304 -35.18 -4.36 0.19
N ASN B 305 -35.81 -4.72 -0.90
CA ASN B 305 -35.73 -6.06 -1.34
C ASN B 305 -34.47 -6.30 -2.21
N ILE B 306 -33.32 -5.79 -1.78
CA ILE B 306 -32.11 -5.99 -2.52
C ILE B 306 -31.05 -6.76 -1.72
N GLY B 307 -30.04 -7.22 -2.46
CA GLY B 307 -28.89 -7.85 -1.89
C GLY B 307 -29.29 -8.93 -0.95
N GLY B 308 -28.70 -8.92 0.23
CA GLY B 308 -28.93 -9.95 1.22
C GLY B 308 -30.14 -9.73 2.08
N ILE B 309 -30.75 -8.55 1.95
CA ILE B 309 -31.85 -8.21 2.85
C ILE B 309 -33.03 -9.26 2.86
N PRO B 310 -33.42 -9.77 1.68
CA PRO B 310 -34.55 -10.71 1.69
C PRO B 310 -34.19 -12.07 2.23
N GLU B 311 -32.92 -12.32 2.54
CA GLU B 311 -32.53 -13.55 3.19
C GLU B 311 -32.67 -13.36 4.69
N VAL B 312 -32.82 -12.11 5.14
CA VAL B 312 -33.00 -11.85 6.55
C VAL B 312 -34.49 -11.61 6.88
N ILE B 313 -35.10 -10.68 6.17
CA ILE B 313 -36.49 -10.39 6.32
C ILE B 313 -37.31 -11.24 5.33
N LYS B 314 -38.24 -12.03 5.84
CA LYS B 314 -39.19 -12.78 5.02
C LYS B 314 -40.48 -11.97 4.95
N ASN B 315 -40.83 -11.48 3.76
CA ASN B 315 -41.95 -10.55 3.62
C ASN B 315 -43.30 -11.05 4.14
N ASN B 316 -43.93 -10.21 4.95
CA ASN B 316 -45.17 -10.50 5.64
C ASN B 316 -45.05 -11.71 6.55
N VAL B 317 -43.84 -11.98 7.03
CA VAL B 317 -43.64 -13.06 7.96
C VAL B 317 -42.73 -12.57 9.08
N SER B 318 -41.57 -12.03 8.73
CA SER B 318 -40.70 -11.46 9.77
C SER B 318 -40.55 -9.92 9.69
N GLY B 319 -41.31 -9.29 8.80
CA GLY B 319 -41.15 -7.89 8.45
C GLY B 319 -41.63 -7.63 7.03
N PHE B 320 -41.35 -6.45 6.50
CA PHE B 320 -41.74 -6.14 5.14
C PHE B 320 -40.56 -5.81 4.29
N LEU B 321 -40.69 -6.12 3.01
CA LEU B 321 -39.75 -5.71 1.99
C LEU B 321 -40.42 -4.75 1.03
N VAL B 322 -39.70 -3.75 0.56
CA VAL B 322 -40.23 -2.82 -0.40
C VAL B 322 -39.20 -2.66 -1.49
N ASP B 323 -39.63 -2.14 -2.64
CA ASP B 323 -38.72 -1.82 -3.73
C ASP B 323 -37.79 -0.67 -3.29
N VAL B 324 -36.58 -0.59 -3.87
CA VAL B 324 -35.65 0.53 -3.68
C VAL B 324 -36.33 1.85 -4.11
N GLY B 325 -36.20 2.91 -3.32
CA GLY B 325 -36.86 4.19 -3.63
C GLY B 325 -38.36 4.27 -3.32
N ASP B 326 -39.04 3.14 -3.05
CA ASP B 326 -40.51 3.17 -2.88
C ASP B 326 -40.96 3.69 -1.52
N VAL B 327 -40.96 5.02 -1.39
CA VAL B 327 -41.29 5.68 -0.13
C VAL B 327 -42.74 5.52 0.32
N THR B 328 -43.64 5.46 -0.65
CA THR B 328 -45.06 5.51 -0.34
C THR B 328 -45.45 4.11 0.13
N ALA B 329 -44.94 3.08 -0.55
CA ALA B 329 -45.08 1.68 -0.09
C ALA B 329 -44.45 1.42 1.29
N ALA B 330 -43.32 2.03 1.57
CA ALA B 330 -42.67 1.85 2.87
C ALA B 330 -43.44 2.55 3.97
N THR B 331 -44.11 3.65 3.61
CA THR B 331 -44.94 4.40 4.57
C THR B 331 -46.12 3.56 5.01
N ALA B 332 -46.75 2.97 4.03
CA ALA B 332 -47.90 2.12 4.23
C ALA B 332 -47.54 0.91 5.08
N ARG B 333 -46.45 0.22 4.73
CA ARG B 333 -45.97 -0.85 5.57
C ARG B 333 -45.69 -0.36 6.98
N ALA B 334 -45.03 0.77 7.07
CA ALA B 334 -44.63 1.35 8.36
C ALA B 334 -45.83 1.60 9.30
N MET B 335 -46.95 2.00 8.74
CA MET B 335 -48.12 2.26 9.53
C MET B 335 -48.80 0.97 9.87
N SER B 336 -48.87 0.08 8.92
CA SER B 336 -49.45 -1.21 9.21
C SER B 336 -48.83 -1.70 10.51
N ILE B 337 -47.51 -1.55 10.64
CA ILE B 337 -46.78 -2.09 11.77
C ILE B 337 -47.00 -1.27 13.00
N LEU B 338 -47.00 0.05 12.85
CA LEU B 338 -47.05 0.96 14.00
C LEU B 338 -48.41 0.94 14.72
N GLU B 339 -49.44 0.54 14.03
CA GLU B 339 -50.76 0.54 14.60
C GLU B 339 -51.19 -0.81 15.07
N ASP B 340 -50.76 -1.83 14.36
CA ASP B 340 -51.31 -3.15 14.51
C ASP B 340 -50.37 -3.94 15.42
N GLU B 341 -50.57 -3.78 16.71
CA GLU B 341 -49.74 -4.45 17.67
C GLU B 341 -49.70 -5.96 17.45
N GLN B 342 -50.76 -6.47 16.83
CA GLN B 342 -50.83 -7.89 16.54
C GLN B 342 -49.91 -8.29 15.39
N LEU B 343 -49.86 -7.44 14.37
CA LEU B 343 -48.94 -7.64 13.27
C LEU B 343 -47.48 -7.55 13.79
N SER B 344 -47.16 -6.42 14.42
CA SER B 344 -45.88 -6.22 15.06
C SER B 344 -45.40 -7.43 15.89
N ASN B 345 -46.28 -8.02 16.69
CA ASN B 345 -45.85 -9.08 17.56
C ASN B 345 -45.65 -10.34 16.80
N ARG B 346 -46.41 -10.56 15.75
CA ARG B 346 -46.12 -11.75 15.01
C ARG B 346 -44.81 -11.67 14.22
N PHE B 347 -44.49 -10.47 13.72
CA PHE B 347 -43.20 -10.24 13.07
C PHE B 347 -42.02 -10.46 13.98
N THR B 348 -42.06 -9.80 15.13
CA THR B 348 -41.02 -9.92 16.13
C THR B 348 -40.78 -11.34 16.58
N LYS B 349 -41.86 -12.10 16.70
CA LYS B 349 -41.70 -13.45 17.17
C LYS B 349 -41.13 -14.34 16.08
N ALA B 350 -41.58 -14.12 14.85
CA ALA B 350 -41.01 -14.84 13.69
C ALA B 350 -39.51 -14.50 13.53
N ALA B 351 -39.17 -13.23 13.72
CA ALA B 351 -37.74 -12.81 13.66
C ALA B 351 -36.88 -13.48 14.73
N ILE B 352 -37.41 -13.63 15.93
CA ILE B 352 -36.66 -14.18 17.06
C ILE B 352 -36.37 -15.63 16.78
N GLU B 353 -37.35 -16.29 16.18
CA GLU B 353 -37.15 -17.69 15.79
C GLU B 353 -35.98 -17.83 14.81
N MET B 354 -35.87 -16.92 13.85
CA MET B 354 -34.71 -16.90 12.93
C MET B 354 -33.43 -16.71 13.71
N LEU B 355 -33.44 -15.84 14.73
CA LEU B 355 -32.24 -15.57 15.45
C LEU B 355 -31.71 -16.78 16.17
N GLU B 356 -32.63 -17.60 16.62
CA GLU B 356 -32.33 -18.69 17.50
C GLU B 356 -31.99 -19.92 16.68
N ASN B 357 -32.26 -19.91 15.37
CA ASN B 357 -31.90 -21.00 14.48
C ASN B 357 -30.86 -20.56 13.41
N GLU B 358 -31.28 -20.05 12.26
CA GLU B 358 -30.36 -19.72 11.16
C GLU B 358 -29.27 -18.71 11.54
N PHE B 359 -29.58 -17.77 12.40
CA PHE B 359 -28.64 -16.68 12.64
C PHE B 359 -28.02 -16.76 14.01
N SER B 360 -28.09 -17.92 14.63
CA SER B 360 -27.61 -18.01 15.99
C SER B 360 -26.10 -18.19 15.96
N SER B 361 -25.45 -17.54 16.91
CA SER B 361 -24.01 -17.52 16.93
C SER B 361 -23.49 -18.93 17.11
N LYS B 362 -24.21 -19.75 17.84
CA LYS B 362 -23.78 -21.12 18.04
C LYS B 362 -23.75 -21.93 16.72
N LYS B 363 -24.78 -21.78 15.91
CA LYS B 363 -24.80 -22.49 14.66
C LYS B 363 -23.69 -21.92 13.69
N ILE B 364 -23.57 -20.62 13.63
CA ILE B 364 -22.63 -19.96 12.69
C ILE B 364 -21.18 -20.17 13.03
N VAL B 365 -20.82 -20.02 14.31
CA VAL B 365 -19.46 -20.26 14.78
C VAL B 365 -19.06 -21.72 14.55
N SER B 366 -19.99 -22.65 14.77
CA SER B 366 -19.75 -24.05 14.37
C SER B 366 -19.56 -24.29 12.84
N GLN B 367 -20.21 -23.49 11.99
CA GLN B 367 -19.97 -23.64 10.56
C GLN B 367 -18.57 -23.14 10.19
N TYR B 368 -18.13 -22.07 10.82
CA TYR B 368 -16.69 -21.62 10.58
C TYR B 368 -15.72 -22.65 11.14
N GLU B 369 -16.04 -23.11 12.32
CA GLU B 369 -15.24 -24.11 12.97
C GLU B 369 -15.10 -25.40 12.14
N GLN B 370 -16.20 -25.84 11.51
CA GLN B 370 -16.14 -27.05 10.66
C GLN B 370 -15.17 -26.81 9.47
N ILE B 371 -15.19 -25.61 8.91
CA ILE B 371 -14.22 -25.30 7.87
C ILE B 371 -12.76 -25.42 8.36
N TYR B 372 -12.45 -24.88 9.55
CA TYR B 372 -11.10 -24.97 10.03
C TYR B 372 -10.69 -26.42 10.24
N ALA B 373 -11.60 -27.23 10.76
CA ALA B 373 -11.29 -28.64 10.99
C ALA B 373 -11.10 -29.33 9.66
N ASP B 374 -11.95 -29.06 8.68
CA ASP B 374 -11.76 -29.63 7.34
C ASP B 374 -10.31 -29.40 6.89
N LEU B 375 -9.79 -28.21 7.11
CA LEU B 375 -8.54 -27.83 6.50
C LEU B 375 -7.35 -28.31 7.35
N ALA B 376 -7.53 -28.41 8.66
CA ALA B 376 -6.53 -28.97 9.52
C ALA B 376 -6.56 -30.48 9.36
O16 GMT C . 18.39 5.51 -1.52
C12 GMT C . 19.03 6.32 -2.25
O15 GMT C . 20.06 6.94 -1.85
C11 GMT C . 18.52 6.50 -3.67
C9 GMT C . 18.94 5.26 -4.50
C10 GMT C . 18.28 5.31 -5.82
O14 GMT C . 18.58 6.25 -6.59
O13 GMT C . 17.45 4.42 -6.11
O1 GMT C . 20.37 5.23 -4.73
C1 GMT C . 20.94 3.91 -4.84
O5 GMT C . 20.88 3.45 -6.21
C5 GMT C . 21.71 4.18 -7.13
C6 GMT C . 21.54 3.67 -8.57
O6 GMT C . 21.95 2.30 -8.70
C4 GMT C . 23.18 4.10 -6.70
O4 GMT C . 24.03 4.86 -7.57
C3 GMT C . 23.36 4.65 -5.30
O3 GMT C . 24.70 4.40 -4.92
C2 GMT C . 22.42 3.91 -4.35
N2 GMT C . 22.54 4.62 -3.09
C7 GMT C . 22.92 4.07 -1.93
O7 GMT C . 23.20 2.90 -1.88
C8 GMT C . 22.96 5.00 -0.72
P PO4 D . 23.03 8.48 -7.20
O1 PO4 D . 23.26 7.09 -7.64
O2 PO4 D . 24.36 8.99 -6.79
O3 PO4 D . 21.99 8.53 -6.16
O4 PO4 D . 22.45 9.32 -8.26
O16 GMT E . -18.75 -1.43 3.03
C12 GMT E . -19.27 -1.17 4.14
O15 GMT E . -20.22 -0.35 4.28
C11 GMT E . -18.77 -1.85 5.39
C9 GMT E . -18.96 -3.37 5.29
C10 GMT E . -18.29 -3.95 6.50
O14 GMT E . -18.87 -3.86 7.63
O13 GMT E . -17.17 -4.44 6.34
O1 GMT E . -20.34 -3.74 5.18
C1 GMT E . -20.63 -4.97 4.45
O5 GMT E . -20.41 -6.16 5.26
C5 GMT E . -21.32 -6.22 6.37
C6 GMT E . -20.85 -7.29 7.38
O6 GMT E . -20.69 -8.57 6.75
C4 GMT E . -22.73 -6.43 5.82
O4 GMT E . -23.64 -6.64 6.91
C3 GMT E . -23.12 -5.22 4.94
O3 GMT E . -24.44 -5.43 4.34
C2 GMT E . -22.05 -5.01 3.87
N2 GMT E . -22.22 -3.72 3.15
C7 GMT E . -22.41 -3.63 1.84
O7 GMT E . -22.47 -4.61 1.14
C8 GMT E . -22.57 -2.26 1.23
N1 U5P F . -22.87 0.79 14.35
C2 U5P F . -22.64 1.25 15.67
N3 U5P F . -22.79 2.55 15.97
C4 U5P F . -23.16 3.42 15.01
C5 U5P F . -23.38 3.01 13.67
C6 U5P F . -23.24 1.65 13.38
O2 U5P F . -22.30 0.47 16.59
O4 U5P F . -23.27 4.61 15.34
C1' U5P F . -22.70 -0.66 14.09
C2' U5P F . -24.02 -1.39 14.05
O2' U5P F . -24.58 -1.51 15.36
C3' U5P F . -23.65 -2.70 13.33
C4' U5P F . -22.59 -2.21 12.33
O3' U5P F . -23.11 -3.75 14.16
O4' U5P F . -22.06 -0.97 12.85
C5' U5P F . -23.15 -1.96 10.94
O5' U5P F . -23.27 -3.20 10.24
P U5P F . -23.98 -3.29 8.77
O1P U5P F . -23.83 -4.74 8.37
O2P U5P F . -25.44 -2.88 8.89
O3P U5P F . -23.12 -2.36 7.93
#